data_1LV5
#
_entry.id   1LV5
#
_cell.length_a   91.681
_cell.length_b   91.681
_cell.length_c   190.116
_cell.angle_alpha   90.00
_cell.angle_beta   90.00
_cell.angle_gamma   120.00
#
_symmetry.space_group_name_H-M   'P 31'
#
loop_
_entity.id
_entity.type
_entity.pdbx_description
1 polymer "5'-D(*GP*GP*AP*TP*CP*AP*GP*CP*GP*A)-3'"
2 polymer "5'-D(*AP*CP*GP*TP*CP*GP*CP*TP*GP*AP*TP*CP*CP*G)-3'"
3 polymer 'DNA POLYMERASE I'
4 non-polymer 'MANGANESE (II) ION'
5 non-polymer 'MAGNESIUM ION'
6 non-polymer 'SULFATE ION'
7 non-polymer "2'-DEOXYCYTIDINE-5'-TRIPHOSPHATE"
8 water water
#
loop_
_entity_poly.entity_id
_entity_poly.type
_entity_poly.pdbx_seq_one_letter_code
_entity_poly.pdbx_strand_id
1 'polydeoxyribonucleotide' (DG)(DG)(DA)(DT)(DC)(DA)(DG)(DC)(DG)(DA) C,E
2 'polydeoxyribonucleotide' (DA)(DC)(DG)(DT)(DC)(DG)(DC)(DT)(DG)(DA)(DT)(DC)(DC)(DG) D,F
3 'polypeptide(L)'
;AKMAFTLADRVTEEMLADKAALVVEVVEENYHAAPIVGIAVVNEHGRFFLRPETALADPQFVAWLGDETKKKSMFDSKRA
AVALKWKGIELCGVSFDLLLAAYLLDPAQGVDDVAAAAKMKQYEAVRPDEAVYGKGAKRAVPDEPVLAEHLVRKAAAIWE
LERPFLDELRRNEQDRLLVELEQPLSSILAEMEFAGVKVDTKRLEQMGKELAEQLGTVEQRIYELAGQEFNINSPKQLGV
ILFEKLQLPVLKKTKTGYSTSADVLEKLAPYHEIVENILHYRQLGKLQSTYIEGLLKVVRPDTKKVHTIFNQALTQTGRL
SSTEPNLQNIPIRLEEGRKIRQAFVPSESDWLIFAADYSQIELRVLAHIAEDDNLMEAFRRDLDIHTKTAMDIFQVSEDE
VTPNMRRQAKAVNFGIVYGISDYGLAQNLNISRKEAAEFIERYFESFPGVKRYMENIVQEAKQKGYVTTLLHRRRYLPDI
TSRNFNVRSFAERMAMNTPIQGSAADIIKKAMIDLNARLKEERLQAHLLLQVHDELILEAPKEEMERLCRLVPEVMEQAV
TLRVPLKVDYHYGSTWYDAK
;
A,B
#
loop_
_chem_comp.id
_chem_comp.type
_chem_comp.name
_chem_comp.formula
DA DNA linking 2'-DEOXYADENOSINE-5'-MONOPHOSPHATE 'C10 H14 N5 O6 P'
DC DNA linking 2'-DEOXYCYTIDINE-5'-MONOPHOSPHATE 'C9 H14 N3 O7 P'
DCP non-polymer 2'-DEOXYCYTIDINE-5'-TRIPHOSPHATE 'C9 H16 N3 O13 P3'
DG DNA linking 2'-DEOXYGUANOSINE-5'-MONOPHOSPHATE 'C10 H14 N5 O7 P'
DT DNA linking THYMIDINE-5'-MONOPHOSPHATE 'C10 H15 N2 O8 P'
MG non-polymer 'MAGNESIUM ION' 'Mg 2'
MN non-polymer 'MANGANESE (II) ION' 'Mn 2'
SO4 non-polymer 'SULFATE ION' 'O4 S -2'
#
# COMPACT_ATOMS: atom_id res chain seq x y z
N ALA E 1 6.28 -30.34 -41.55
CA ALA E 1 6.58 -31.12 -42.79
C ALA E 1 7.94 -31.81 -42.72
N LYS E 2 7.91 -33.12 -42.57
CA LYS E 2 9.11 -33.95 -42.47
C LYS E 2 10.39 -33.36 -43.05
N MET E 3 11.32 -33.00 -42.16
CA MET E 3 12.61 -32.50 -42.58
C MET E 3 13.42 -33.78 -42.80
N ALA E 4 13.95 -33.98 -44.00
CA ALA E 4 14.68 -35.21 -44.29
C ALA E 4 16.07 -35.27 -43.70
N PHE E 5 16.33 -36.33 -42.93
CA PHE E 5 17.64 -36.54 -42.30
C PHE E 5 17.95 -38.03 -42.36
N THR E 6 19.24 -38.36 -42.33
CA THR E 6 19.62 -39.77 -42.38
C THR E 6 19.92 -40.28 -40.96
N LEU E 7 19.05 -41.16 -40.46
CA LEU E 7 19.29 -41.71 -39.13
C LEU E 7 20.52 -42.60 -39.27
N ALA E 8 21.67 -42.07 -38.86
CA ALA E 8 22.94 -42.78 -38.95
C ALA E 8 23.07 -43.96 -37.99
N ASP E 9 23.54 -45.09 -38.51
CA ASP E 9 23.72 -46.29 -37.71
C ASP E 9 25.21 -46.51 -37.47
N ARG E 10 26.02 -45.61 -38.02
CA ARG E 10 27.47 -45.61 -37.88
C ARG E 10 27.96 -44.21 -38.25
N VAL E 11 29.09 -43.80 -37.69
CA VAL E 11 29.64 -42.49 -37.99
C VAL E 11 30.26 -42.50 -39.39
N THR E 12 30.54 -41.32 -39.95
CA THR E 12 31.14 -41.20 -41.27
C THR E 12 31.97 -39.91 -41.41
N GLU E 13 32.79 -39.87 -42.46
CA GLU E 13 33.66 -38.72 -42.71
C GLU E 13 32.95 -37.40 -43.00
N GLU E 14 31.87 -37.46 -43.77
CA GLU E 14 31.14 -36.25 -44.13
C GLU E 14 30.37 -35.61 -42.97
N MET E 15 30.28 -36.32 -41.85
CA MET E 15 29.56 -35.77 -40.70
C MET E 15 30.53 -35.28 -39.62
N LEU E 16 31.82 -35.36 -39.90
CA LEU E 16 32.86 -34.91 -38.98
C LEU E 16 33.60 -33.73 -39.60
N ALA E 17 32.85 -32.74 -40.07
CA ALA E 17 33.43 -31.55 -40.71
C ALA E 17 33.88 -30.53 -39.65
N ASP E 18 34.67 -29.54 -40.07
CA ASP E 18 35.16 -28.52 -39.14
C ASP E 18 34.17 -27.42 -38.82
N LYS E 19 32.89 -27.80 -38.81
CA LYS E 19 31.79 -26.90 -38.47
C LYS E 19 30.45 -27.62 -38.58
N ALA E 20 29.74 -27.70 -37.46
CA ALA E 20 28.42 -28.35 -37.45
C ALA E 20 27.58 -27.97 -36.25
N ALA E 21 26.27 -28.19 -36.36
CA ALA E 21 25.35 -27.94 -35.27
C ALA E 21 25.27 -29.28 -34.54
N LEU E 22 25.46 -29.25 -33.24
CA LEU E 22 25.43 -30.49 -32.49
C LEU E 22 24.41 -30.47 -31.39
N VAL E 23 23.87 -31.65 -31.10
CA VAL E 23 22.91 -31.81 -30.04
C VAL E 23 23.17 -33.12 -29.34
N VAL E 24 23.65 -33.02 -28.11
CA VAL E 24 23.87 -34.19 -27.29
C VAL E 24 22.77 -34.02 -26.28
N GLU E 25 21.61 -34.62 -26.59
CA GLU E 25 20.39 -34.52 -25.78
C GLU E 25 20.38 -35.10 -24.38
N VAL E 26 20.22 -34.23 -23.40
CA VAL E 26 20.14 -34.63 -21.99
C VAL E 26 18.77 -34.17 -21.49
N VAL E 27 17.78 -35.06 -21.63
CA VAL E 27 16.41 -34.80 -21.22
C VAL E 27 16.32 -34.47 -19.74
N GLU E 28 16.98 -35.29 -18.90
CA GLU E 28 16.98 -35.10 -17.45
C GLU E 28 17.23 -33.63 -17.07
N GLU E 29 16.42 -33.09 -16.16
CA GLU E 29 16.59 -31.71 -15.72
C GLU E 29 18.01 -31.51 -15.19
N ASN E 30 18.43 -32.36 -14.27
CA ASN E 30 19.77 -32.27 -13.72
C ASN E 30 20.68 -33.17 -14.56
N TYR E 31 21.56 -32.55 -15.33
CA TYR E 31 22.45 -33.27 -16.22
C TYR E 31 23.68 -33.96 -15.59
N HIS E 32 23.87 -33.83 -14.29
CA HIS E 32 25.02 -34.47 -13.64
C HIS E 32 24.94 -35.99 -13.74
N ALA E 33 25.80 -36.55 -14.58
CA ALA E 33 25.85 -37.99 -14.81
C ALA E 33 24.53 -38.47 -15.40
N ALA E 34 23.91 -37.61 -16.19
CA ALA E 34 22.64 -37.94 -16.83
C ALA E 34 22.90 -38.65 -18.13
N PRO E 35 22.08 -39.64 -18.47
CA PRO E 35 22.36 -40.31 -19.75
C PRO E 35 22.12 -39.37 -20.93
N ILE E 36 22.70 -39.71 -22.06
CA ILE E 36 22.51 -38.93 -23.28
C ILE E 36 21.54 -39.80 -24.08
N VAL E 37 20.37 -39.24 -24.40
CA VAL E 37 19.35 -39.98 -25.13
C VAL E 37 19.54 -40.00 -26.64
N GLY E 38 20.21 -38.98 -27.18
CA GLY E 38 20.43 -38.95 -28.60
C GLY E 38 21.41 -37.88 -29.06
N ILE E 39 21.90 -38.02 -30.28
CA ILE E 39 22.85 -37.07 -30.87
C ILE E 39 22.33 -36.65 -32.25
N ALA E 40 22.65 -35.43 -32.66
CA ALA E 40 22.23 -34.94 -33.97
C ALA E 40 23.34 -34.08 -34.54
N VAL E 41 23.52 -34.12 -35.85
CA VAL E 41 24.56 -33.36 -36.49
C VAL E 41 24.18 -32.74 -37.83
N VAL E 42 24.24 -31.42 -37.90
CA VAL E 42 23.95 -30.71 -39.13
C VAL E 42 25.24 -30.02 -39.51
N ASN E 43 25.63 -30.17 -40.77
CA ASN E 43 26.84 -29.55 -41.27
C ASN E 43 26.63 -29.41 -42.76
N GLU E 44 27.47 -28.62 -43.42
CA GLU E 44 27.34 -28.39 -44.86
C GLU E 44 27.10 -29.65 -45.66
N HIS E 45 27.45 -30.81 -45.10
CA HIS E 45 27.27 -32.07 -45.81
C HIS E 45 25.92 -32.74 -45.63
N GLY E 46 25.12 -32.26 -44.69
CA GLY E 46 23.82 -32.85 -44.48
C GLY E 46 23.33 -32.86 -43.04
N ARG E 47 22.30 -33.66 -42.77
CA ARG E 47 21.72 -33.77 -41.44
C ARG E 47 21.81 -35.23 -41.01
N PHE E 48 22.34 -35.47 -39.82
CA PHE E 48 22.48 -36.85 -39.35
C PHE E 48 21.98 -37.01 -37.92
N PHE E 49 21.68 -38.26 -37.57
CA PHE E 49 21.23 -38.60 -36.23
C PHE E 49 21.97 -39.85 -35.78
N LEU E 50 22.84 -39.70 -34.78
CA LEU E 50 23.60 -40.81 -34.26
C LEU E 50 23.03 -41.25 -32.93
N ARG E 51 23.04 -42.55 -32.68
CA ARG E 51 22.56 -43.09 -31.42
C ARG E 51 23.73 -43.00 -30.43
N PRO E 52 23.47 -42.53 -29.21
CA PRO E 52 24.51 -42.38 -28.17
C PRO E 52 25.37 -43.65 -28.04
N GLU E 53 24.70 -44.78 -27.78
CA GLU E 53 25.38 -46.06 -27.64
C GLU E 53 26.46 -46.22 -28.70
N THR E 54 26.15 -45.78 -29.91
CA THR E 54 27.07 -45.89 -31.04
C THR E 54 28.18 -44.83 -31.04
N ALA E 55 27.82 -43.62 -31.44
CA ALA E 55 28.76 -42.51 -31.54
C ALA E 55 29.73 -42.29 -30.38
N LEU E 56 29.32 -42.62 -29.15
CA LEU E 56 30.16 -42.41 -27.99
C LEU E 56 31.18 -43.52 -27.74
N ALA E 57 31.39 -44.35 -28.74
CA ALA E 57 32.36 -45.45 -28.68
C ALA E 57 33.32 -45.22 -29.84
N ASP E 58 32.79 -44.61 -30.90
CA ASP E 58 33.54 -44.30 -32.10
C ASP E 58 34.63 -43.27 -31.79
N PRO E 59 35.91 -43.71 -31.75
CA PRO E 59 37.03 -42.83 -31.45
C PRO E 59 37.17 -41.67 -32.44
N GLN E 60 36.67 -41.86 -33.65
CA GLN E 60 36.74 -40.81 -34.67
C GLN E 60 35.71 -39.73 -34.33
N PHE E 61 34.61 -40.11 -33.70
CA PHE E 61 33.59 -39.13 -33.33
C PHE E 61 34.02 -38.47 -32.02
N VAL E 62 34.56 -39.29 -31.11
CA VAL E 62 35.03 -38.80 -29.83
C VAL E 62 36.20 -37.84 -30.05
N ALA E 63 36.92 -38.01 -31.14
CA ALA E 63 38.07 -37.14 -31.44
C ALA E 63 37.61 -35.80 -32.00
N TRP E 64 36.76 -35.85 -33.01
CA TRP E 64 36.21 -34.66 -33.64
C TRP E 64 35.65 -33.77 -32.52
N LEU E 65 35.04 -34.42 -31.53
CA LEU E 65 34.47 -33.74 -30.37
C LEU E 65 35.52 -33.01 -29.57
N GLY E 66 36.41 -33.79 -28.94
CA GLY E 66 37.46 -33.22 -28.11
C GLY E 66 38.41 -32.31 -28.84
N ASP E 67 38.30 -32.32 -30.17
CA ASP E 67 39.15 -31.50 -31.04
C ASP E 67 38.59 -30.08 -31.07
N GLU E 68 39.33 -29.13 -30.51
CA GLU E 68 38.88 -27.75 -30.47
C GLU E 68 38.92 -27.05 -31.83
N THR E 69 39.58 -27.65 -32.81
CA THR E 69 39.63 -27.05 -34.15
C THR E 69 38.40 -27.49 -34.96
N LYS E 70 37.65 -28.45 -34.44
CA LYS E 70 36.43 -28.90 -35.09
C LYS E 70 35.32 -28.10 -34.40
N LYS E 71 34.77 -27.12 -35.11
CA LYS E 71 33.74 -26.24 -34.55
C LYS E 71 32.33 -26.81 -34.37
N LYS E 72 31.72 -26.48 -33.23
CA LYS E 72 30.36 -26.91 -32.93
C LYS E 72 29.52 -25.72 -32.51
N SER E 73 28.32 -25.65 -33.08
CA SER E 73 27.36 -24.61 -32.78
C SER E 73 26.33 -25.35 -31.94
N MET E 74 25.95 -24.78 -30.79
CA MET E 74 25.02 -25.47 -29.91
C MET E 74 24.09 -24.58 -29.06
N PHE E 75 23.27 -25.24 -28.25
CA PHE E 75 22.34 -24.59 -27.31
C PHE E 75 22.59 -25.25 -25.96
N ASP E 76 22.99 -24.45 -24.97
CA ASP E 76 23.29 -24.96 -23.63
C ASP E 76 24.40 -26.00 -23.75
N SER E 77 25.58 -25.54 -24.12
CA SER E 77 26.73 -26.43 -24.28
C SER E 77 27.22 -27.03 -22.96
N LYS E 78 27.03 -26.30 -21.85
CA LYS E 78 27.46 -26.79 -20.55
C LYS E 78 26.62 -28.01 -20.16
N ARG E 79 25.35 -27.98 -20.52
CA ARG E 79 24.47 -29.08 -20.21
C ARG E 79 25.03 -30.37 -20.78
N ALA E 80 25.47 -30.32 -22.02
CA ALA E 80 26.04 -31.47 -22.69
C ALA E 80 27.45 -31.75 -22.18
N ALA E 81 28.28 -30.69 -22.13
CA ALA E 81 29.66 -30.81 -21.68
C ALA E 81 29.79 -31.58 -20.37
N VAL E 82 29.03 -31.16 -19.36
CA VAL E 82 29.05 -31.81 -18.05
C VAL E 82 28.53 -33.25 -18.13
N ALA E 83 27.48 -33.49 -18.91
CA ALA E 83 26.93 -34.84 -19.05
C ALA E 83 27.98 -35.79 -19.63
N LEU E 84 28.71 -35.29 -20.63
CA LEU E 84 29.75 -36.07 -21.28
C LEU E 84 30.93 -36.27 -20.32
N LYS E 85 31.27 -35.23 -19.57
CA LYS E 85 32.38 -35.29 -18.62
C LYS E 85 32.21 -36.54 -17.78
N TRP E 86 31.01 -36.72 -17.25
CA TRP E 86 30.70 -37.88 -16.44
C TRP E 86 30.79 -39.21 -17.20
N LYS E 87 31.12 -39.14 -18.48
CA LYS E 87 31.24 -40.34 -19.30
C LYS E 87 32.69 -40.45 -19.76
N GLY E 88 33.55 -39.59 -19.22
CA GLY E 88 34.96 -39.60 -19.60
C GLY E 88 35.20 -39.01 -20.98
N ILE E 89 34.20 -38.32 -21.52
CA ILE E 89 34.31 -37.73 -22.85
C ILE E 89 34.49 -36.20 -22.83
N GLU E 90 35.49 -35.73 -23.56
CA GLU E 90 35.81 -34.31 -23.62
C GLU E 90 35.15 -33.61 -24.81
N LEU E 91 34.50 -32.48 -24.54
CA LEU E 91 33.82 -31.71 -25.58
C LEU E 91 34.44 -30.33 -25.78
N CYS E 92 35.15 -30.15 -26.88
CA CYS E 92 35.80 -28.87 -27.19
C CYS E 92 35.28 -28.36 -28.52
N GLY E 93 35.63 -27.13 -28.86
CA GLY E 93 35.24 -26.57 -30.14
C GLY E 93 33.93 -25.82 -30.22
N VAL E 94 33.18 -25.72 -29.13
CA VAL E 94 31.90 -25.00 -29.14
C VAL E 94 32.15 -23.52 -29.35
N SER E 95 31.95 -23.06 -30.59
CA SER E 95 32.17 -21.65 -30.93
C SER E 95 30.93 -20.78 -30.78
N PHE E 96 29.76 -21.41 -30.74
CA PHE E 96 28.52 -20.65 -30.60
C PHE E 96 27.53 -21.33 -29.69
N ASP E 97 26.94 -20.55 -28.79
CA ASP E 97 25.93 -21.06 -27.89
C ASP E 97 24.69 -20.21 -28.09
N LEU E 98 23.67 -20.82 -28.69
CA LEU E 98 22.39 -20.15 -28.97
C LEU E 98 21.67 -19.66 -27.71
N LEU E 99 21.77 -20.43 -26.63
CA LEU E 99 21.15 -20.09 -25.37
C LEU E 99 21.69 -18.81 -24.77
N LEU E 100 23.01 -18.69 -24.65
CA LEU E 100 23.62 -17.50 -24.06
C LEU E 100 23.45 -16.31 -24.98
N ALA E 101 23.36 -16.57 -26.29
CA ALA E 101 23.16 -15.51 -27.28
C ALA E 101 21.80 -14.83 -27.07
N ALA E 102 20.76 -15.63 -26.87
CA ALA E 102 19.40 -15.10 -26.66
C ALA E 102 19.26 -14.43 -25.29
N TYR E 103 20.11 -14.83 -24.34
CA TYR E 103 20.13 -14.28 -22.99
C TYR E 103 20.62 -12.83 -23.05
N LEU E 104 21.72 -12.62 -23.77
CA LEU E 104 22.29 -11.28 -23.90
C LEU E 104 21.37 -10.34 -24.67
N LEU E 105 20.75 -10.87 -25.72
CA LEU E 105 19.83 -10.07 -26.52
C LEU E 105 18.56 -9.71 -25.76
N ASP E 106 18.11 -10.59 -24.88
CA ASP E 106 16.92 -10.30 -24.07
C ASP E 106 16.66 -11.36 -23.01
N PRO E 107 17.17 -11.13 -21.78
CA PRO E 107 16.98 -12.11 -20.71
C PRO E 107 15.52 -12.35 -20.32
N ALA E 108 14.64 -11.40 -20.63
CA ALA E 108 13.22 -11.51 -20.31
C ALA E 108 12.49 -12.54 -21.18
N GLN E 109 13.09 -12.88 -22.32
CA GLN E 109 12.48 -13.86 -23.23
C GLN E 109 12.26 -15.20 -22.54
N GLY E 110 12.99 -15.45 -21.47
CA GLY E 110 12.86 -16.70 -20.76
C GLY E 110 13.00 -17.92 -21.66
N VAL E 111 14.17 -18.09 -22.25
CA VAL E 111 14.41 -19.22 -23.15
C VAL E 111 14.77 -20.48 -22.34
N ASP E 112 13.98 -21.54 -22.51
CA ASP E 112 14.22 -22.79 -21.80
C ASP E 112 14.45 -23.96 -22.76
N ASP E 113 14.59 -23.64 -24.05
CA ASP E 113 14.84 -24.66 -25.06
C ASP E 113 15.14 -24.00 -26.42
N VAL E 114 15.53 -24.78 -27.40
CA VAL E 114 15.84 -24.22 -28.72
C VAL E 114 14.61 -23.54 -29.34
N ALA E 115 13.47 -24.22 -29.29
CA ALA E 115 12.24 -23.63 -29.83
C ALA E 115 12.01 -22.20 -29.33
N ALA E 116 11.94 -22.02 -28.01
CA ALA E 116 11.73 -20.70 -27.45
C ALA E 116 12.78 -19.69 -27.93
N ALA E 117 14.02 -20.15 -28.07
CA ALA E 117 15.08 -19.28 -28.55
C ALA E 117 14.82 -18.97 -30.03
N ALA E 118 14.52 -20.01 -30.80
CA ALA E 118 14.28 -19.87 -32.21
C ALA E 118 13.09 -18.94 -32.51
N LYS E 119 12.02 -19.11 -31.74
CA LYS E 119 10.81 -18.30 -31.94
C LYS E 119 11.16 -16.84 -31.89
N MET E 120 12.15 -16.53 -31.06
CA MET E 120 12.61 -15.16 -30.90
C MET E 120 13.12 -14.60 -32.22
N LYS E 121 13.35 -15.48 -33.20
CA LYS E 121 13.86 -15.07 -34.52
C LYS E 121 12.95 -15.52 -35.68
N GLN E 122 11.64 -15.51 -35.47
CA GLN E 122 10.70 -15.92 -36.51
C GLN E 122 11.06 -17.26 -37.17
N TYR E 123 11.61 -18.19 -36.39
CA TYR E 123 11.94 -19.51 -36.89
C TYR E 123 11.15 -20.42 -35.99
N GLU E 124 10.23 -21.15 -36.58
CA GLU E 124 9.39 -22.03 -35.78
C GLU E 124 9.33 -23.47 -36.29
N ALA E 125 10.28 -23.84 -37.15
CA ALA E 125 10.31 -25.20 -37.69
C ALA E 125 10.87 -26.17 -36.67
N VAL E 126 10.49 -25.98 -35.41
CA VAL E 126 10.95 -26.84 -34.33
C VAL E 126 9.93 -26.84 -33.20
N ARG E 127 9.71 -28.01 -32.62
CA ARG E 127 8.75 -28.14 -31.53
C ARG E 127 9.34 -27.90 -30.15
N PRO E 128 8.58 -27.24 -29.26
CA PRO E 128 9.03 -26.96 -27.90
C PRO E 128 9.35 -28.29 -27.22
N ASP E 129 10.32 -28.28 -26.32
CA ASP E 129 10.71 -29.51 -25.65
C ASP E 129 9.59 -30.16 -24.86
N GLU E 130 8.81 -29.38 -24.13
CA GLU E 130 7.72 -29.92 -23.33
C GLU E 130 6.68 -30.67 -24.16
N ALA E 131 6.58 -30.33 -25.44
CA ALA E 131 5.62 -30.97 -26.32
C ALA E 131 6.09 -32.38 -26.70
N VAL E 132 7.40 -32.53 -26.85
CA VAL E 132 7.98 -33.80 -27.25
C VAL E 132 8.14 -34.80 -26.10
N TYR E 133 8.63 -34.34 -24.95
CA TYR E 133 8.81 -35.25 -23.83
C TYR E 133 7.77 -35.03 -22.73
N GLY E 134 6.96 -33.98 -22.89
CA GLY E 134 5.94 -33.69 -21.89
C GLY E 134 6.53 -33.23 -20.56
N LYS E 135 5.83 -33.52 -19.48
CA LYS E 135 6.26 -33.15 -18.14
C LYS E 135 5.43 -33.87 -17.08
N GLY E 136 5.65 -33.50 -15.82
CA GLY E 136 4.91 -34.12 -14.73
C GLY E 136 5.17 -35.60 -14.62
N ALA E 137 4.19 -36.34 -14.09
CA ALA E 137 4.32 -37.79 -13.92
C ALA E 137 4.14 -38.55 -15.23
N LYS E 138 4.23 -37.84 -16.34
CA LYS E 138 4.07 -38.44 -17.66
C LYS E 138 5.38 -38.38 -18.46
N ARG E 139 6.22 -37.39 -18.14
CA ARG E 139 7.48 -37.16 -18.82
C ARG E 139 8.23 -38.41 -19.27
N ALA E 140 8.63 -38.42 -20.53
CA ALA E 140 9.34 -39.55 -21.11
C ALA E 140 10.01 -39.17 -22.42
N VAL E 141 10.83 -40.08 -22.93
CA VAL E 141 11.52 -39.88 -24.19
C VAL E 141 10.68 -40.52 -25.29
N PRO E 142 10.31 -39.75 -26.32
CA PRO E 142 9.50 -40.33 -27.39
C PRO E 142 10.26 -41.45 -28.10
N ASP E 143 9.56 -42.21 -28.92
CA ASP E 143 10.19 -43.31 -29.63
C ASP E 143 11.19 -42.83 -30.67
N GLU E 144 12.16 -43.71 -30.96
CA GLU E 144 13.23 -43.47 -31.91
C GLU E 144 12.99 -42.46 -33.02
N PRO E 145 12.01 -42.71 -33.90
CA PRO E 145 11.77 -41.74 -34.98
C PRO E 145 11.20 -40.37 -34.56
N VAL E 146 10.67 -40.27 -33.34
CA VAL E 146 10.14 -38.99 -32.86
C VAL E 146 11.31 -38.20 -32.27
N LEU E 147 12.05 -38.86 -31.39
CA LEU E 147 13.22 -38.26 -30.74
C LEU E 147 14.18 -37.80 -31.83
N ALA E 148 14.32 -38.63 -32.86
CA ALA E 148 15.22 -38.35 -33.97
C ALA E 148 14.81 -37.10 -34.73
N GLU E 149 13.54 -37.07 -35.17
CA GLU E 149 13.01 -35.94 -35.93
C GLU E 149 13.17 -34.63 -35.14
N HIS E 150 13.01 -34.68 -33.82
CA HIS E 150 13.17 -33.48 -33.02
C HIS E 150 14.64 -33.06 -32.89
N LEU E 151 15.50 -33.96 -32.44
CA LEU E 151 16.92 -33.61 -32.30
C LEU E 151 17.48 -33.01 -33.58
N VAL E 152 17.04 -33.51 -34.73
CA VAL E 152 17.51 -32.99 -36.01
C VAL E 152 16.96 -31.60 -36.30
N ARG E 153 15.73 -31.34 -35.84
CA ARG E 153 15.15 -30.02 -36.04
C ARG E 153 15.83 -29.02 -35.11
N LYS E 154 16.11 -29.46 -33.88
CA LYS E 154 16.80 -28.58 -32.95
C LYS E 154 18.17 -28.26 -33.51
N ALA E 155 18.87 -29.28 -33.99
CA ALA E 155 20.19 -29.08 -34.57
C ALA E 155 20.04 -28.19 -35.82
N ALA E 156 19.06 -28.49 -36.68
CA ALA E 156 18.87 -27.67 -37.87
C ALA E 156 18.55 -26.22 -37.50
N ALA E 157 17.78 -26.07 -36.43
CA ALA E 157 17.40 -24.76 -35.94
C ALA E 157 18.65 -24.00 -35.52
N ILE E 158 19.54 -24.66 -34.78
CA ILE E 158 20.79 -24.08 -34.33
C ILE E 158 21.66 -23.68 -35.52
N TRP E 159 21.68 -24.53 -36.53
CA TRP E 159 22.47 -24.27 -37.72
C TRP E 159 22.10 -22.91 -38.36
N GLU E 160 20.81 -22.65 -38.50
CA GLU E 160 20.34 -21.41 -39.11
C GLU E 160 20.29 -20.16 -38.21
N LEU E 161 20.13 -20.33 -36.91
CA LEU E 161 20.01 -19.16 -36.04
C LEU E 161 21.29 -18.39 -35.69
N GLU E 162 22.44 -19.02 -35.87
CA GLU E 162 23.73 -18.41 -35.56
C GLU E 162 23.93 -17.01 -36.19
N ARG E 163 23.74 -16.90 -37.50
CA ARG E 163 23.89 -15.62 -38.19
C ARG E 163 22.98 -14.50 -37.66
N PRO E 164 21.66 -14.74 -37.61
CA PRO E 164 20.68 -13.75 -37.12
C PRO E 164 21.00 -13.28 -35.70
N PHE E 165 21.22 -14.24 -34.81
CA PHE E 165 21.54 -13.95 -33.41
C PHE E 165 22.85 -13.20 -33.27
N LEU E 166 23.86 -13.54 -34.06
CA LEU E 166 25.14 -12.86 -33.94
C LEU E 166 25.12 -11.43 -34.48
N ASP E 167 24.30 -11.19 -35.50
CA ASP E 167 24.19 -9.86 -36.08
C ASP E 167 23.58 -8.88 -35.09
N GLU E 168 22.44 -9.23 -34.50
CA GLU E 168 21.79 -8.34 -33.55
C GLU E 168 22.74 -8.10 -32.37
N LEU E 169 23.53 -9.10 -32.01
CA LEU E 169 24.49 -8.93 -30.93
C LEU E 169 25.53 -7.90 -31.40
N ARG E 170 26.00 -8.07 -32.63
CA ARG E 170 26.97 -7.16 -33.21
C ARG E 170 26.45 -5.72 -33.19
N ARG E 171 25.20 -5.51 -33.59
CA ARG E 171 24.61 -4.17 -33.58
C ARG E 171 24.44 -3.65 -32.15
N ASN E 172 24.20 -4.56 -31.21
CA ASN E 172 24.02 -4.22 -29.79
C ASN E 172 25.34 -4.13 -29.03
N GLU E 173 26.46 -4.25 -29.73
CA GLU E 173 27.78 -4.24 -29.11
C GLU E 173 27.85 -5.31 -28.02
N GLN E 174 27.28 -6.48 -28.29
CA GLN E 174 27.26 -7.61 -27.36
C GLN E 174 27.91 -8.88 -27.95
N ASP E 175 28.46 -8.76 -29.16
CA ASP E 175 29.09 -9.90 -29.81
C ASP E 175 30.32 -10.37 -29.01
N ARG E 176 31.13 -9.44 -28.54
CA ARG E 176 32.30 -9.81 -27.75
C ARG E 176 31.84 -10.29 -26.37
N LEU E 177 30.77 -9.69 -25.86
CA LEU E 177 30.24 -10.04 -24.55
C LEU E 177 29.80 -11.52 -24.61
N LEU E 178 29.42 -11.96 -25.79
CA LEU E 178 29.01 -13.34 -25.96
C LEU E 178 30.20 -14.28 -26.07
N VAL E 179 31.00 -14.04 -27.11
CA VAL E 179 32.17 -14.82 -27.46
C VAL E 179 33.35 -14.77 -26.50
N GLU E 180 33.75 -13.57 -26.08
CA GLU E 180 34.88 -13.41 -25.19
C GLU E 180 34.53 -13.43 -23.68
N LEU E 181 33.25 -13.43 -23.32
CA LEU E 181 32.92 -13.48 -21.89
C LEU E 181 31.99 -14.64 -21.52
N GLU E 182 30.72 -14.57 -21.92
CA GLU E 182 29.77 -15.63 -21.59
C GLU E 182 30.17 -17.05 -22.04
N GLN E 183 30.63 -17.21 -23.28
CA GLN E 183 31.00 -18.56 -23.71
C GLN E 183 32.24 -19.05 -22.99
N PRO E 184 33.25 -18.19 -22.78
CA PRO E 184 34.42 -18.73 -22.07
C PRO E 184 34.04 -19.23 -20.68
N LEU E 185 33.21 -18.47 -19.97
CA LEU E 185 32.75 -18.82 -18.62
C LEU E 185 31.98 -20.15 -18.54
N SER E 186 31.27 -20.49 -19.60
CA SER E 186 30.50 -21.72 -19.63
C SER E 186 31.39 -22.97 -19.45
N SER E 187 32.61 -22.94 -19.98
CA SER E 187 33.52 -24.08 -19.84
C SER E 187 34.10 -24.18 -18.42
N ILE E 188 34.31 -23.02 -17.81
CA ILE E 188 34.84 -22.91 -16.46
C ILE E 188 33.79 -23.37 -15.43
N LEU E 189 32.53 -23.00 -15.65
CA LEU E 189 31.46 -23.41 -14.75
C LEU E 189 31.23 -24.91 -14.88
N ALA E 190 31.48 -25.46 -16.07
CA ALA E 190 31.29 -26.90 -16.28
C ALA E 190 32.29 -27.66 -15.39
N GLU E 191 33.53 -27.16 -15.34
CA GLU E 191 34.58 -27.78 -14.51
C GLU E 191 34.19 -27.73 -13.06
N MET E 192 33.74 -26.55 -12.63
CA MET E 192 33.34 -26.33 -11.24
C MET E 192 32.23 -27.29 -10.80
N GLU E 193 31.27 -27.52 -11.69
CA GLU E 193 30.18 -28.44 -11.41
C GLU E 193 30.68 -29.87 -11.40
N PHE E 194 31.41 -30.24 -12.45
CA PHE E 194 31.94 -31.61 -12.53
C PHE E 194 32.91 -31.86 -11.40
N ALA E 195 33.64 -30.82 -10.99
CA ALA E 195 34.59 -30.93 -9.90
C ALA E 195 33.84 -31.14 -8.60
N GLY E 196 32.78 -30.35 -8.41
CA GLY E 196 31.99 -30.46 -7.20
C GLY E 196 32.78 -30.19 -5.94
N VAL E 197 32.08 -30.07 -4.81
CA VAL E 197 32.74 -29.80 -3.53
C VAL E 197 32.63 -31.01 -2.59
N LYS E 198 33.71 -31.27 -1.88
CA LYS E 198 33.80 -32.38 -0.94
C LYS E 198 32.90 -32.10 0.27
N VAL E 199 32.21 -33.14 0.75
CA VAL E 199 31.31 -32.98 1.87
C VAL E 199 31.61 -33.85 3.09
N ASP E 200 31.96 -33.20 4.20
CA ASP E 200 32.22 -33.88 5.46
C ASP E 200 30.85 -34.42 5.87
N THR E 201 30.46 -35.57 5.31
CA THR E 201 29.16 -36.13 5.63
C THR E 201 29.00 -36.64 7.06
N LYS E 202 30.01 -37.34 7.56
CA LYS E 202 29.95 -37.86 8.92
C LYS E 202 29.55 -36.74 9.89
N ARG E 203 30.29 -35.63 9.85
CA ARG E 203 30.02 -34.48 10.72
C ARG E 203 28.60 -33.96 10.53
N LEU E 204 28.29 -33.60 9.29
CA LEU E 204 27.00 -33.06 8.92
C LEU E 204 25.84 -33.86 9.53
N GLU E 205 26.03 -35.17 9.61
CA GLU E 205 25.01 -36.06 10.19
C GLU E 205 24.96 -35.88 11.69
N GLN E 206 26.12 -36.00 12.35
CA GLN E 206 26.20 -35.85 13.80
C GLN E 206 25.76 -34.44 14.20
N MET E 207 25.34 -33.65 13.22
CA MET E 207 24.85 -32.30 13.46
C MET E 207 23.34 -32.45 13.49
N GLY E 208 22.81 -33.15 12.49
CA GLY E 208 21.38 -33.38 12.42
C GLY E 208 20.93 -34.08 13.69
N LYS E 209 21.86 -34.81 14.31
CA LYS E 209 21.59 -35.53 15.55
C LYS E 209 21.05 -34.56 16.59
N GLU E 210 21.93 -33.74 17.14
CA GLU E 210 21.56 -32.78 18.17
C GLU E 210 20.43 -31.84 17.77
N LEU E 211 20.39 -31.43 16.50
CA LEU E 211 19.34 -30.53 16.03
C LEU E 211 17.95 -31.03 16.44
N ALA E 212 17.62 -32.24 16.02
CA ALA E 212 16.33 -32.84 16.35
C ALA E 212 16.07 -32.71 17.84
N GLU E 213 17.14 -32.78 18.63
CA GLU E 213 17.05 -32.68 20.08
C GLU E 213 16.55 -31.30 20.46
N GLN E 214 17.34 -30.28 20.13
CA GLN E 214 17.00 -28.90 20.45
C GLN E 214 15.76 -28.44 19.69
N LEU E 215 15.16 -29.34 18.91
CA LEU E 215 13.96 -29.02 18.15
C LEU E 215 12.70 -29.29 18.97
N GLY E 216 12.37 -30.56 19.17
CA GLY E 216 11.20 -30.89 19.95
C GLY E 216 11.20 -30.23 21.31
N THR E 217 12.39 -30.06 21.87
CA THR E 217 12.56 -29.43 23.17
C THR E 217 12.10 -27.98 23.08
N VAL E 218 11.98 -27.48 21.85
CA VAL E 218 11.55 -26.10 21.61
C VAL E 218 10.22 -26.13 20.87
N GLU E 219 9.68 -27.34 20.70
CA GLU E 219 8.40 -27.53 20.01
C GLU E 219 7.29 -27.72 21.03
N GLN E 220 7.58 -28.45 22.09
CA GLN E 220 6.60 -28.71 23.14
C GLN E 220 6.38 -27.48 23.99
N ARG E 221 7.44 -26.71 24.18
CA ARG E 221 7.35 -25.48 24.96
C ARG E 221 6.32 -24.60 24.23
N ILE E 222 6.28 -24.75 22.92
CA ILE E 222 5.35 -23.99 22.07
C ILE E 222 3.90 -24.37 22.37
N TYR E 223 3.64 -25.67 22.50
CA TYR E 223 2.29 -26.14 22.80
C TYR E 223 1.96 -25.75 24.23
N GLU E 224 3.01 -25.66 25.05
CA GLU E 224 2.87 -25.29 26.46
C GLU E 224 2.45 -23.82 26.52
N LEU E 225 3.33 -22.95 26.04
CA LEU E 225 3.11 -21.51 26.02
C LEU E 225 1.77 -21.15 25.37
N ALA E 226 1.40 -21.88 24.32
CA ALA E 226 0.13 -21.63 23.64
C ALA E 226 -0.98 -22.35 24.38
N GLY E 227 -0.68 -23.55 24.89
CA GLY E 227 -1.66 -24.31 25.63
C GLY E 227 -2.54 -25.23 24.80
N GLN E 228 -2.08 -25.58 23.60
CA GLN E 228 -2.86 -26.46 22.72
C GLN E 228 -1.97 -27.36 21.87
N GLU E 229 -2.33 -27.55 20.61
CA GLU E 229 -1.56 -28.39 19.69
C GLU E 229 -1.56 -27.86 18.26
N PHE E 230 -1.27 -26.58 18.08
CA PHE E 230 -1.25 -25.99 16.74
C PHE E 230 0.09 -26.28 16.06
N ASN E 231 0.08 -26.30 14.74
CA ASN E 231 1.30 -26.56 13.97
C ASN E 231 2.01 -25.26 13.62
N ILE E 232 3.17 -25.07 14.22
CA ILE E 232 4.00 -23.89 14.02
C ILE E 232 4.27 -23.52 12.56
N ASN E 233 3.87 -24.38 11.62
CA ASN E 233 4.11 -24.11 10.21
C ASN E 233 2.96 -23.42 9.47
N SER E 234 1.78 -23.39 10.08
CA SER E 234 0.63 -22.75 9.45
C SER E 234 0.51 -21.29 9.86
N PRO E 235 0.94 -20.36 8.99
CA PRO E 235 0.86 -18.93 9.30
C PRO E 235 -0.56 -18.54 9.70
N LYS E 236 -1.52 -19.30 9.20
CA LYS E 236 -2.94 -19.08 9.51
C LYS E 236 -3.13 -19.44 10.98
N GLN E 237 -2.47 -20.51 11.40
CA GLN E 237 -2.55 -20.97 12.79
C GLN E 237 -1.70 -20.04 13.65
N LEU E 238 -0.53 -19.68 13.14
CA LEU E 238 0.35 -18.79 13.87
C LEU E 238 -0.34 -17.42 14.00
N GLY E 239 -1.35 -17.19 13.18
CA GLY E 239 -2.07 -15.94 13.25
C GLY E 239 -3.16 -15.98 14.32
N VAL E 240 -3.94 -17.06 14.30
CA VAL E 240 -5.02 -17.24 15.27
C VAL E 240 -4.46 -17.52 16.67
N ILE E 241 -3.65 -18.56 16.79
CA ILE E 241 -3.04 -18.95 18.06
C ILE E 241 -1.99 -17.93 18.39
N LEU E 242 -2.32 -16.68 18.18
CA LEU E 242 -1.36 -15.57 18.35
C LEU E 242 -2.00 -14.24 18.79
N PHE E 243 -2.56 -13.59 17.74
CA PHE E 243 -3.24 -12.29 17.82
C PHE E 243 -4.75 -12.49 18.12
N GLU E 244 -5.26 -13.69 17.86
CA GLU E 244 -6.68 -13.96 18.06
C GLU E 244 -7.05 -14.98 19.14
N LYS E 245 -6.10 -15.81 19.54
CA LYS E 245 -6.32 -16.79 20.61
C LYS E 245 -5.55 -16.20 21.77
N LEU E 246 -4.32 -15.79 21.47
CA LEU E 246 -3.41 -15.20 22.46
C LEU E 246 -3.31 -13.68 22.51
N GLN E 247 -4.22 -13.01 21.85
CA GLN E 247 -4.26 -11.54 21.86
C GLN E 247 -2.94 -10.77 21.90
N LEU E 248 -2.38 -10.46 20.72
CA LEU E 248 -1.17 -9.61 20.63
C LEU E 248 -1.44 -8.56 19.54
N PRO E 249 -0.65 -7.47 19.51
CA PRO E 249 -0.89 -6.44 18.49
C PRO E 249 -0.34 -6.70 17.07
N VAL E 250 -1.11 -6.27 16.07
CA VAL E 250 -0.73 -6.43 14.65
C VAL E 250 -0.06 -5.17 14.11
N LEU E 251 1.27 -5.19 14.03
CA LEU E 251 2.04 -4.04 13.53
C LEU E 251 2.16 -4.03 12.01
N LYS E 252 1.69 -5.09 11.36
CA LYS E 252 1.77 -5.20 9.92
C LYS E 252 0.84 -6.32 9.43
N LYS E 253 0.39 -6.23 8.19
CA LYS E 253 -0.50 -7.24 7.62
C LYS E 253 -0.09 -7.74 6.24
N THR E 254 -0.49 -8.97 5.93
CA THR E 254 -0.16 -9.58 4.64
C THR E 254 -1.36 -9.52 3.69
N LYS E 255 -1.14 -9.90 2.44
CA LYS E 255 -2.21 -9.91 1.45
C LYS E 255 -3.17 -11.07 1.69
N THR E 256 -3.11 -11.63 2.88
CA THR E 256 -3.98 -12.74 3.28
C THR E 256 -4.47 -12.52 4.70
N GLY E 257 -3.60 -11.96 5.54
CA GLY E 257 -3.94 -11.68 6.93
C GLY E 257 -2.99 -10.67 7.53
N TYR E 258 -2.19 -11.10 8.50
CA TYR E 258 -1.22 -10.23 9.16
C TYR E 258 0.12 -10.96 9.29
N SER E 259 1.17 -10.31 8.79
CA SER E 259 2.52 -10.86 8.82
C SER E 259 2.92 -11.59 10.10
N THR E 260 3.53 -12.76 9.94
CA THR E 260 4.05 -13.55 11.06
C THR E 260 5.51 -13.77 10.72
N SER E 261 6.00 -12.86 9.87
CA SER E 261 7.39 -12.85 9.45
C SER E 261 8.21 -12.72 10.72
N ALA E 262 9.51 -12.94 10.60
CA ALA E 262 10.36 -12.85 11.77
C ALA E 262 10.48 -11.40 12.24
N ASP E 263 10.29 -10.44 11.34
CA ASP E 263 10.38 -9.04 11.73
C ASP E 263 9.14 -8.59 12.49
N VAL E 264 8.34 -9.57 12.92
CA VAL E 264 7.11 -9.31 13.67
C VAL E 264 7.13 -10.11 14.98
N LEU E 265 7.39 -11.41 14.89
CA LEU E 265 7.45 -12.24 16.10
C LEU E 265 8.44 -11.55 17.02
N GLU E 266 9.45 -10.96 16.39
CA GLU E 266 10.49 -10.23 17.09
C GLU E 266 9.86 -9.12 17.92
N LYS E 267 9.28 -8.14 17.24
CA LYS E 267 8.63 -7.00 17.89
C LYS E 267 7.49 -7.44 18.81
N LEU E 268 6.85 -8.55 18.47
CA LEU E 268 5.75 -9.07 19.28
C LEU E 268 6.21 -10.27 20.09
N ALA E 269 7.34 -10.13 20.77
CA ALA E 269 7.88 -11.23 21.57
C ALA E 269 7.51 -11.17 23.06
N PRO E 270 7.90 -10.09 23.75
CA PRO E 270 7.60 -9.94 25.18
C PRO E 270 6.13 -10.16 25.57
N TYR E 271 5.24 -10.14 24.58
CA TYR E 271 3.83 -10.34 24.87
C TYR E 271 3.52 -11.79 25.16
N HIS E 272 4.57 -12.61 25.27
CA HIS E 272 4.44 -14.04 25.56
C HIS E 272 5.74 -14.76 25.28
N GLU E 273 6.10 -15.70 26.14
CA GLU E 273 7.34 -16.46 25.97
C GLU E 273 7.18 -17.58 24.94
N ILE E 274 6.30 -17.36 23.97
CA ILE E 274 6.05 -18.33 22.92
C ILE E 274 6.66 -17.78 21.64
N VAL E 275 6.69 -16.45 21.53
CA VAL E 275 7.22 -15.78 20.36
C VAL E 275 8.74 -15.90 20.29
N GLU E 276 9.36 -16.25 21.40
CA GLU E 276 10.81 -16.39 21.43
C GLU E 276 11.19 -17.82 21.05
N ASN E 277 10.42 -18.78 21.55
CA ASN E 277 10.67 -20.18 21.25
C ASN E 277 10.26 -20.52 19.81
N ILE E 278 9.52 -19.60 19.19
CA ILE E 278 9.08 -19.77 17.81
C ILE E 278 10.19 -19.25 16.90
N LEU E 279 10.85 -18.17 17.34
CA LEU E 279 11.94 -17.61 16.55
C LEU E 279 13.08 -18.62 16.48
N HIS E 280 13.43 -19.20 17.63
CA HIS E 280 14.51 -20.18 17.71
C HIS E 280 14.14 -21.51 17.06
N TYR E 281 12.94 -22.00 17.33
CA TYR E 281 12.53 -23.28 16.76
C TYR E 281 12.43 -23.26 15.23
N ARG E 282 12.13 -22.10 14.67
CA ARG E 282 12.03 -21.99 13.22
C ARG E 282 13.40 -21.95 12.57
N GLN E 283 14.38 -21.41 13.30
CA GLN E 283 15.74 -21.33 12.79
C GLN E 283 16.30 -22.74 12.73
N LEU E 284 16.12 -23.49 13.82
CA LEU E 284 16.61 -24.86 13.89
C LEU E 284 15.89 -25.71 12.86
N GLY E 285 14.64 -25.35 12.57
CA GLY E 285 13.87 -26.10 11.59
C GLY E 285 14.49 -25.91 10.22
N LYS E 286 14.53 -24.66 9.77
CA LYS E 286 15.11 -24.32 8.47
C LYS E 286 16.43 -25.04 8.33
N LEU E 287 17.38 -24.67 9.18
CA LEU E 287 18.71 -25.25 9.18
C LEU E 287 18.73 -26.77 9.22
N GLN E 288 17.67 -27.37 9.74
CA GLN E 288 17.58 -28.83 9.84
C GLN E 288 17.21 -29.50 8.52
N SER E 289 16.10 -29.06 7.93
CA SER E 289 15.62 -29.63 6.69
C SER E 289 16.30 -29.03 5.46
N THR E 290 16.17 -27.72 5.29
CA THR E 290 16.74 -27.02 4.13
C THR E 290 18.26 -27.09 4.01
N TYR E 291 18.92 -27.88 4.85
CA TYR E 291 20.38 -27.98 4.75
C TYR E 291 20.97 -29.35 5.08
N ILE E 292 21.03 -29.71 6.35
CA ILE E 292 21.59 -31.01 6.74
C ILE E 292 21.11 -32.13 5.83
N GLU E 293 19.80 -32.34 5.78
CA GLU E 293 19.24 -33.37 4.93
C GLU E 293 19.30 -32.91 3.47
N GLY E 294 18.86 -31.67 3.24
CA GLY E 294 18.86 -31.10 1.90
C GLY E 294 20.17 -31.24 1.15
N LEU E 295 21.29 -31.20 1.88
CA LEU E 295 22.60 -31.33 1.28
C LEU E 295 22.97 -32.80 1.13
N LEU E 296 22.79 -33.56 2.21
CA LEU E 296 23.10 -34.98 2.21
C LEU E 296 22.27 -35.73 1.17
N LYS E 297 21.16 -35.11 0.76
CA LYS E 297 20.25 -35.69 -0.22
C LYS E 297 20.88 -35.62 -1.61
N VAL E 298 21.78 -34.65 -1.81
CA VAL E 298 22.44 -34.49 -3.09
C VAL E 298 23.90 -34.95 -3.09
N VAL E 299 24.37 -35.44 -1.94
CA VAL E 299 25.75 -35.92 -1.83
C VAL E 299 25.85 -37.31 -2.44
N ARG E 300 26.70 -37.47 -3.44
CA ARG E 300 26.87 -38.76 -4.08
C ARG E 300 27.52 -39.72 -3.08
N PRO E 301 27.22 -41.02 -3.18
CA PRO E 301 27.79 -42.01 -2.26
C PRO E 301 29.32 -42.10 -2.24
N ASP E 302 29.93 -42.43 -3.39
CA ASP E 302 31.38 -42.55 -3.42
C ASP E 302 32.14 -41.25 -3.14
N THR E 303 32.41 -40.46 -4.18
CA THR E 303 33.15 -39.21 -4.05
C THR E 303 32.78 -38.28 -2.90
N LYS E 304 31.64 -38.51 -2.26
CA LYS E 304 31.18 -37.67 -1.15
C LYS E 304 31.14 -36.19 -1.53
N LYS E 305 30.90 -35.90 -2.80
CA LYS E 305 30.82 -34.51 -3.26
C LYS E 305 29.40 -34.16 -3.67
N VAL E 306 29.11 -32.86 -3.75
CA VAL E 306 27.82 -32.40 -4.22
C VAL E 306 28.18 -31.64 -5.50
N HIS E 307 27.31 -31.62 -6.49
CA HIS E 307 27.60 -30.94 -7.75
C HIS E 307 26.49 -29.97 -8.14
N THR E 308 26.69 -28.70 -7.78
CA THR E 308 25.72 -27.68 -8.08
C THR E 308 25.70 -27.45 -9.57
N ILE E 309 24.64 -26.79 -10.04
CA ILE E 309 24.52 -26.46 -11.45
C ILE E 309 24.40 -24.96 -11.46
N PHE E 310 25.38 -24.31 -12.07
CA PHE E 310 25.39 -22.87 -12.18
C PHE E 310 24.62 -22.44 -13.40
N ASN E 311 23.38 -22.05 -13.19
CA ASN E 311 22.47 -21.58 -14.24
C ASN E 311 23.02 -20.21 -14.68
N GLN E 312 23.45 -20.12 -15.94
CA GLN E 312 24.08 -18.95 -16.50
C GLN E 312 23.18 -17.97 -17.25
N ALA E 313 22.04 -18.44 -17.73
CA ALA E 313 21.13 -17.56 -18.45
C ALA E 313 19.75 -17.61 -17.80
N LEU E 314 19.71 -17.30 -16.51
CA LEU E 314 18.46 -17.33 -15.76
C LEU E 314 18.03 -16.00 -15.14
N THR E 315 18.92 -15.35 -14.39
CA THR E 315 18.58 -14.09 -13.73
C THR E 315 18.46 -12.98 -14.73
N GLN E 316 17.69 -11.96 -14.38
CA GLN E 316 17.47 -10.83 -15.27
C GLN E 316 18.57 -9.76 -15.25
N THR E 317 19.54 -9.89 -14.36
CA THR E 317 20.61 -8.87 -14.29
C THR E 317 22.04 -9.30 -14.68
N GLY E 318 22.26 -10.58 -14.94
CA GLY E 318 23.59 -11.02 -15.34
C GLY E 318 24.23 -11.94 -14.31
N ARG E 319 23.64 -12.00 -13.13
CA ARG E 319 24.15 -12.86 -12.06
C ARG E 319 23.93 -14.34 -12.39
N LEU E 320 24.73 -15.19 -11.75
CA LEU E 320 24.61 -16.64 -11.91
C LEU E 320 23.60 -17.17 -10.90
N SER E 321 23.18 -18.41 -11.09
CA SER E 321 22.24 -19.01 -10.18
C SER E 321 22.71 -20.41 -9.84
N SER E 322 22.35 -20.89 -8.65
CA SER E 322 22.76 -22.21 -8.24
C SER E 322 21.59 -23.05 -7.74
N THR E 323 21.55 -24.32 -8.11
CA THR E 323 20.44 -25.19 -7.72
C THR E 323 20.82 -26.64 -7.47
N GLU E 324 20.13 -27.26 -6.53
CA GLU E 324 20.33 -28.67 -6.18
C GLU E 324 21.81 -29.00 -5.96
N PRO E 325 22.43 -28.39 -4.94
CA PRO E 325 21.81 -27.43 -4.02
C PRO E 325 22.19 -25.98 -4.35
N ASN E 326 21.54 -25.05 -3.68
CA ASN E 326 21.84 -23.64 -3.87
C ASN E 326 23.03 -23.34 -2.96
N LEU E 327 24.24 -23.42 -3.50
CA LEU E 327 25.43 -23.16 -2.69
C LEU E 327 25.72 -21.69 -2.52
N GLN E 328 24.78 -20.85 -2.95
CA GLN E 328 24.94 -19.41 -2.82
C GLN E 328 24.08 -18.90 -1.68
N ASN E 329 23.52 -19.83 -0.89
CA ASN E 329 22.70 -19.46 0.25
C ASN E 329 22.98 -20.40 1.46
N ILE E 330 24.25 -20.64 1.71
CA ILE E 330 24.69 -21.46 2.83
C ILE E 330 24.78 -20.47 4.00
N PRO E 331 24.19 -20.80 5.17
CA PRO E 331 24.20 -19.92 6.35
C PRO E 331 25.54 -19.25 6.62
N ILE E 332 25.51 -18.03 7.16
CA ILE E 332 26.72 -17.29 7.45
C ILE E 332 26.46 -16.12 8.39
N ARG E 333 25.20 -15.71 8.48
CA ARG E 333 24.75 -14.60 9.32
C ARG E 333 24.85 -14.83 10.83
N LEU E 334 24.33 -15.96 11.28
CA LEU E 334 24.37 -16.29 12.71
C LEU E 334 25.44 -17.35 12.93
N GLU E 335 25.81 -17.59 14.19
CA GLU E 335 26.84 -18.57 14.49
C GLU E 335 26.39 -20.02 14.36
N GLU E 336 25.15 -20.32 14.74
CA GLU E 336 24.66 -21.70 14.65
C GLU E 336 24.72 -22.21 13.21
N GLY E 337 24.13 -21.44 12.31
CA GLY E 337 24.12 -21.83 10.91
C GLY E 337 25.48 -21.85 10.25
N ARG E 338 26.30 -20.85 10.56
CA ARG E 338 27.63 -20.72 10.00
C ARG E 338 28.50 -21.97 10.11
N LYS E 339 28.37 -22.70 11.21
CA LYS E 339 29.15 -23.91 11.44
C LYS E 339 28.94 -25.00 10.39
N ILE E 340 27.84 -24.93 9.64
CA ILE E 340 27.59 -25.94 8.62
C ILE E 340 28.69 -25.87 7.55
N ARG E 341 29.34 -24.72 7.44
CA ARG E 341 30.41 -24.53 6.48
C ARG E 341 31.65 -25.36 6.85
N GLN E 342 31.66 -25.88 8.08
CA GLN E 342 32.75 -26.72 8.55
C GLN E 342 32.57 -28.08 7.89
N ALA E 343 31.42 -28.26 7.23
CA ALA E 343 31.12 -29.51 6.56
C ALA E 343 31.61 -29.46 5.10
N PHE E 344 32.08 -28.28 4.67
CA PHE E 344 32.60 -28.12 3.31
C PHE E 344 34.13 -28.10 3.39
N VAL E 345 34.74 -29.10 2.77
CA VAL E 345 36.19 -29.25 2.83
C VAL E 345 36.90 -29.38 1.48
N PRO E 346 38.25 -29.53 1.50
CA PRO E 346 39.03 -29.67 0.27
C PRO E 346 38.77 -31.03 -0.35
N SER E 347 38.91 -31.15 -1.67
CA SER E 347 38.65 -32.42 -2.34
C SER E 347 39.80 -33.43 -2.18
N GLU E 348 41.00 -32.94 -1.91
CA GLU E 348 42.14 -33.84 -1.74
C GLU E 348 42.73 -33.74 -0.36
N SER E 349 43.57 -34.71 -0.02
CA SER E 349 44.21 -34.75 1.29
C SER E 349 45.31 -33.69 1.35
N ASP E 350 45.35 -32.94 2.44
CA ASP E 350 46.34 -31.88 2.63
C ASP E 350 46.13 -30.70 1.70
N TRP E 351 44.88 -30.30 1.53
CA TRP E 351 44.53 -29.17 0.67
C TRP E 351 43.84 -28.10 1.50
N LEU E 352 43.58 -26.94 0.90
CA LEU E 352 42.93 -25.85 1.62
C LEU E 352 41.90 -25.09 0.80
N ILE E 353 40.93 -24.48 1.47
CA ILE E 353 39.91 -23.68 0.79
C ILE E 353 40.34 -22.21 0.81
N PHE E 354 40.28 -21.58 -0.36
CA PHE E 354 40.67 -20.19 -0.52
C PHE E 354 39.51 -19.33 -1.04
N ALA E 355 38.81 -18.64 -0.14
CA ALA E 355 37.68 -17.79 -0.52
C ALA E 355 38.09 -16.32 -0.62
N ALA E 356 37.74 -15.68 -1.75
CA ALA E 356 38.04 -14.26 -1.99
C ALA E 356 36.74 -13.51 -2.27
N ASP E 357 36.57 -12.35 -1.66
CA ASP E 357 35.31 -11.55 -1.81
C ASP E 357 35.23 -10.47 -2.89
N TYR E 358 35.04 -9.26 -2.45
CA TYR E 358 35.15 -8.00 -3.23
C TYR E 358 34.62 -6.99 -2.23
N SER E 359 35.43 -6.05 -1.80
CA SER E 359 34.98 -5.07 -0.83
C SER E 359 33.86 -4.16 -1.32
N GLN E 360 32.73 -4.16 -0.59
CA GLN E 360 31.57 -3.31 -0.91
C GLN E 360 31.51 -3.08 -2.42
N ILE E 361 31.41 -4.11 -3.22
CA ILE E 361 31.48 -3.90 -4.64
C ILE E 361 30.37 -3.08 -5.33
N GLU E 362 29.12 -3.42 -5.10
CA GLU E 362 28.06 -2.64 -5.75
C GLU E 362 28.20 -1.18 -5.34
N LEU E 363 28.52 -0.92 -4.07
CA LEU E 363 28.73 0.46 -3.63
C LEU E 363 29.90 1.10 -4.38
N ARG E 364 30.94 0.32 -4.67
CA ARG E 364 32.09 0.84 -5.42
C ARG E 364 31.64 1.04 -6.87
N VAL E 365 30.91 0.05 -7.38
CA VAL E 365 30.42 0.14 -8.74
C VAL E 365 29.48 1.33 -8.90
N LEU E 366 28.66 1.61 -7.88
CA LEU E 366 27.74 2.75 -7.96
C LEU E 366 28.57 4.02 -8.00
N ALA E 367 29.61 4.05 -7.18
CA ALA E 367 30.51 5.20 -7.10
C ALA E 367 31.07 5.57 -8.47
N HIS E 368 31.47 4.56 -9.23
CA HIS E 368 32.03 4.78 -10.55
C HIS E 368 30.96 5.25 -11.54
N ILE E 369 29.84 4.52 -11.62
CA ILE E 369 28.79 4.93 -12.56
C ILE E 369 28.17 6.26 -12.14
N ALA E 370 27.59 6.31 -10.94
CA ALA E 370 26.97 7.53 -10.45
C ALA E 370 27.93 8.71 -10.47
N GLU E 371 29.21 8.43 -10.18
CA GLU E 371 30.23 9.47 -10.14
C GLU E 371 29.95 10.53 -9.07
N ASP E 372 29.45 10.13 -7.91
CA ASP E 372 29.26 11.14 -6.87
C ASP E 372 30.65 11.45 -6.33
N ASP E 373 30.96 12.73 -6.20
CA ASP E 373 32.27 13.15 -5.71
C ASP E 373 32.67 12.43 -4.42
N ASN E 374 31.84 12.60 -3.40
CA ASN E 374 32.10 12.03 -2.09
C ASN E 374 32.08 10.51 -1.95
N LEU E 375 31.35 9.80 -2.81
CA LEU E 375 31.33 8.34 -2.72
C LEU E 375 32.63 7.80 -3.30
N MET E 376 33.17 8.47 -4.31
CA MET E 376 34.41 8.05 -4.92
C MET E 376 35.56 8.46 -4.01
N GLU E 377 35.62 9.74 -3.68
CA GLU E 377 36.64 10.29 -2.79
C GLU E 377 36.74 9.40 -1.56
N ALA E 378 35.59 8.96 -1.07
CA ALA E 378 35.56 8.10 0.10
C ALA E 378 36.36 6.82 -0.15
N PHE E 379 36.08 6.14 -1.26
CA PHE E 379 36.80 4.90 -1.56
C PHE E 379 38.26 5.18 -1.88
N ARG E 380 38.52 6.29 -2.54
CA ARG E 380 39.89 6.68 -2.85
C ARG E 380 40.64 6.86 -1.53
N ARG E 381 39.86 6.97 -0.45
CA ARG E 381 40.36 7.11 0.91
C ARG E 381 40.29 5.77 1.63
N ASP E 382 39.78 4.77 0.93
CA ASP E 382 39.63 3.42 1.49
C ASP E 382 38.83 3.36 2.79
N LEU E 383 37.56 3.75 2.74
CA LEU E 383 36.71 3.69 3.95
C LEU E 383 35.74 2.51 3.83
N ASP E 384 35.16 2.09 4.96
CA ASP E 384 34.18 1.00 4.97
C ASP E 384 32.81 1.65 5.22
N ILE E 385 32.13 2.04 4.15
CA ILE E 385 30.83 2.70 4.28
C ILE E 385 29.79 1.90 5.05
N HIS E 386 29.94 0.59 5.07
CA HIS E 386 29.00 -0.23 5.82
C HIS E 386 29.19 0.06 7.31
N THR E 387 30.45 0.04 7.77
CA THR E 387 30.75 0.30 9.17
C THR E 387 30.35 1.73 9.55
N LYS E 388 30.60 2.66 8.65
CA LYS E 388 30.28 4.06 8.91
C LYS E 388 28.77 4.21 9.16
N THR E 389 27.97 3.82 8.17
CA THR E 389 26.52 3.92 8.31
C THR E 389 26.07 3.18 9.59
N ALA E 390 26.87 2.21 10.02
CA ALA E 390 26.58 1.48 11.24
C ALA E 390 26.81 2.45 12.40
N MET E 391 27.85 3.28 12.26
CA MET E 391 28.20 4.28 13.26
C MET E 391 27.05 5.27 13.47
N ASP E 392 26.07 5.24 12.56
CA ASP E 392 24.91 6.12 12.67
C ASP E 392 23.67 5.33 13.06
N ILE E 393 23.40 4.26 12.34
CA ILE E 393 22.25 3.40 12.63
C ILE E 393 22.37 2.89 14.06
N PHE E 394 23.45 3.29 14.73
CA PHE E 394 23.71 2.90 16.10
C PHE E 394 24.41 4.05 16.84
N GLN E 395 24.71 5.11 16.10
CA GLN E 395 25.37 6.31 16.63
C GLN E 395 26.74 6.03 17.24
N VAL E 396 27.10 4.75 17.36
CA VAL E 396 28.37 4.34 17.93
C VAL E 396 29.58 4.79 17.11
N SER E 397 30.78 4.62 17.65
CA SER E 397 32.01 5.01 16.96
C SER E 397 32.55 3.81 16.19
N GLU E 398 33.36 4.07 15.17
CA GLU E 398 33.91 3.00 14.34
C GLU E 398 34.33 1.77 15.14
N ASP E 399 35.01 2.02 16.25
CA ASP E 399 35.51 0.96 17.11
C ASP E 399 34.40 0.21 17.83
N GLU E 400 33.18 0.73 17.75
CA GLU E 400 32.03 0.10 18.41
C GLU E 400 31.04 -0.56 17.44
N VAL E 401 31.49 -0.82 16.21
CA VAL E 401 30.63 -1.45 15.21
C VAL E 401 30.87 -2.96 15.15
N THR E 402 29.81 -3.74 15.33
CA THR E 402 29.92 -5.20 15.32
C THR E 402 29.54 -5.86 13.99
N PRO E 403 30.08 -7.06 13.73
CA PRO E 403 29.80 -7.81 12.50
C PRO E 403 28.30 -7.89 12.25
N ASN E 404 27.56 -8.14 13.33
CA ASN E 404 26.11 -8.22 13.27
C ASN E 404 25.59 -6.86 12.82
N MET E 405 26.16 -5.81 13.41
CA MET E 405 25.76 -4.43 13.10
C MET E 405 26.04 -4.03 11.66
N ARG E 406 27.28 -4.20 11.23
CA ARG E 406 27.66 -3.84 9.87
C ARG E 406 26.72 -4.46 8.84
N ARG E 407 26.05 -5.55 9.20
CA ARG E 407 25.12 -6.21 8.29
C ARG E 407 23.90 -5.31 8.00
N GLN E 408 23.20 -4.89 9.06
CA GLN E 408 22.02 -4.05 8.89
C GLN E 408 22.36 -2.74 8.20
N ALA E 409 23.50 -2.16 8.55
CA ALA E 409 23.92 -0.90 7.93
C ALA E 409 24.15 -1.18 6.46
N LYS E 410 24.62 -2.39 6.16
CA LYS E 410 24.88 -2.79 4.80
C LYS E 410 23.55 -2.87 4.06
N ALA E 411 22.59 -3.55 4.67
CA ALA E 411 21.25 -3.69 4.09
C ALA E 411 20.55 -2.33 3.97
N VAL E 412 20.88 -1.43 4.88
CA VAL E 412 20.30 -0.09 4.88
C VAL E 412 20.89 0.67 3.70
N ASN E 413 22.21 0.56 3.53
CA ASN E 413 22.94 1.22 2.44
C ASN E 413 22.38 0.84 1.07
N PHE E 414 22.12 -0.45 0.88
CA PHE E 414 21.60 -0.87 -0.41
C PHE E 414 20.11 -0.60 -0.46
N GLY E 415 19.43 -0.76 0.68
CA GLY E 415 18.01 -0.46 0.72
C GLY E 415 17.85 0.98 0.26
N ILE E 416 18.67 1.89 0.80
CA ILE E 416 18.59 3.30 0.43
C ILE E 416 18.92 3.62 -1.05
N VAL E 417 20.06 3.18 -1.57
CA VAL E 417 20.38 3.50 -2.97
C VAL E 417 19.50 2.81 -3.99
N TYR E 418 18.90 1.69 -3.61
CA TYR E 418 18.06 0.96 -4.56
C TYR E 418 16.53 1.15 -4.44
N GLY E 419 16.07 2.32 -3.94
CA GLY E 419 14.63 2.59 -3.86
C GLY E 419 13.94 2.76 -2.47
N ILE E 420 14.28 1.90 -1.53
CA ILE E 420 13.65 1.92 -0.15
C ILE E 420 12.80 3.16 0.15
N SER E 421 11.68 3.00 0.81
CA SER E 421 10.88 4.13 1.19
C SER E 421 11.07 4.26 2.71
N ASP E 422 10.80 5.46 3.25
CA ASP E 422 10.93 5.69 4.68
C ASP E 422 10.22 4.61 5.48
N TYR E 423 9.12 4.07 4.96
CA TYR E 423 8.38 3.03 5.64
C TYR E 423 9.16 1.72 5.63
N GLY E 424 9.71 1.39 4.46
CA GLY E 424 10.49 0.18 4.33
C GLY E 424 11.67 0.23 5.27
N LEU E 425 12.37 1.35 5.26
CA LEU E 425 13.53 1.54 6.13
C LEU E 425 13.06 1.48 7.59
N ALA E 426 12.03 2.28 7.90
CA ALA E 426 11.47 2.34 9.25
C ALA E 426 11.23 0.97 9.87
N GLN E 427 10.67 0.03 9.10
CA GLN E 427 10.41 -1.30 9.62
C GLN E 427 11.69 -2.10 9.77
N ASN E 428 12.65 -1.87 8.87
CA ASN E 428 13.93 -2.58 8.90
C ASN E 428 14.64 -2.32 10.24
N LEU E 429 15.26 -1.15 10.38
CA LEU E 429 15.96 -0.80 11.62
C LEU E 429 15.01 -0.45 12.76
N ASN E 430 13.74 -0.84 12.61
CA ASN E 430 12.71 -0.60 13.60
C ASN E 430 12.70 0.80 14.21
N ILE E 431 12.42 1.80 13.39
CA ILE E 431 12.37 3.18 13.86
C ILE E 431 11.10 3.84 13.33
N SER E 432 10.97 5.15 13.55
CA SER E 432 9.78 5.86 13.08
C SER E 432 9.93 6.20 11.62
N ARG E 433 8.84 6.63 10.99
CA ARG E 433 8.88 7.00 9.58
C ARG E 433 9.52 8.37 9.40
N LYS E 434 9.32 9.25 10.39
CA LYS E 434 9.87 10.59 10.33
C LYS E 434 11.39 10.58 10.49
N GLU E 435 11.89 9.66 11.32
CA GLU E 435 13.32 9.54 11.53
C GLU E 435 13.95 8.97 10.26
N ALA E 436 13.46 7.81 9.84
CA ALA E 436 13.95 7.17 8.63
C ALA E 436 13.96 8.16 7.47
N ALA E 437 12.87 8.91 7.32
CA ALA E 437 12.74 9.90 6.25
C ALA E 437 13.86 10.93 6.26
N GLU E 438 14.19 11.46 7.43
CA GLU E 438 15.24 12.46 7.52
C GLU E 438 16.63 11.83 7.34
N PHE E 439 16.79 10.58 7.75
CA PHE E 439 18.08 9.87 7.63
C PHE E 439 18.43 9.63 6.15
N ILE E 440 17.41 9.59 5.32
CA ILE E 440 17.57 9.37 3.88
C ILE E 440 17.88 10.71 3.19
N GLU E 441 17.37 11.79 3.75
CA GLU E 441 17.63 13.12 3.18
C GLU E 441 19.10 13.43 3.38
N ARG E 442 19.61 13.16 4.57
CA ARG E 442 21.00 13.42 4.91
C ARG E 442 21.92 12.49 4.12
N TYR E 443 21.43 11.30 3.80
CA TYR E 443 22.22 10.34 3.05
C TYR E 443 22.52 10.99 1.71
N PHE E 444 21.48 11.48 1.04
CA PHE E 444 21.64 12.14 -0.26
C PHE E 444 22.22 13.53 -0.12
N GLU E 445 22.51 13.89 1.12
CA GLU E 445 23.15 15.15 1.39
C GLU E 445 24.63 14.76 1.30
N SER E 446 24.93 13.54 1.74
CA SER E 446 26.30 13.04 1.69
C SER E 446 26.66 12.68 0.25
N PHE E 447 25.70 12.12 -0.48
CA PHE E 447 25.93 11.71 -1.86
C PHE E 447 24.94 12.29 -2.87
N PRO E 448 25.10 13.57 -3.21
CA PRO E 448 24.22 14.26 -4.17
C PRO E 448 24.38 13.74 -5.60
N GLY E 449 25.62 13.50 -6.01
CA GLY E 449 25.88 13.00 -7.33
C GLY E 449 25.16 11.68 -7.56
N VAL E 450 24.88 10.98 -6.47
CA VAL E 450 24.18 9.71 -6.57
C VAL E 450 22.69 9.95 -6.75
N LYS E 451 22.16 11.01 -6.15
CA LYS E 451 20.74 11.34 -6.28
C LYS E 451 20.49 11.57 -7.75
N ARG E 452 21.37 12.35 -8.34
CA ARG E 452 21.29 12.67 -9.76
C ARG E 452 21.26 11.39 -10.60
N TYR E 453 21.91 10.32 -10.11
CA TYR E 453 21.94 9.04 -10.83
C TYR E 453 20.60 8.30 -10.78
N MET E 454 19.97 8.29 -9.61
CA MET E 454 18.69 7.62 -9.44
C MET E 454 17.65 8.28 -10.33
N GLU E 455 17.87 9.56 -10.62
CA GLU E 455 16.96 10.34 -11.44
C GLU E 455 17.18 10.29 -12.95
N ASN E 456 18.43 10.19 -13.39
CA ASN E 456 18.69 10.12 -14.83
C ASN E 456 18.59 8.71 -15.40
N ILE E 457 18.87 7.71 -14.58
CA ILE E 457 18.79 6.33 -15.06
C ILE E 457 17.34 5.94 -15.26
N VAL E 458 16.44 6.65 -14.58
CA VAL E 458 15.01 6.41 -14.69
C VAL E 458 14.56 7.03 -16.02
N GLN E 459 15.14 8.17 -16.35
CA GLN E 459 14.85 8.85 -17.60
C GLN E 459 15.47 8.05 -18.74
N GLU E 460 16.70 7.58 -18.51
CA GLU E 460 17.40 6.79 -19.51
C GLU E 460 16.55 5.60 -19.94
N ALA E 461 16.06 4.83 -18.98
CA ALA E 461 15.22 3.67 -19.28
C ALA E 461 13.94 4.11 -20.01
N LYS E 462 13.37 5.21 -19.54
CA LYS E 462 12.16 5.77 -20.11
C LYS E 462 12.32 6.15 -21.58
N GLN E 463 13.51 6.60 -21.95
CA GLN E 463 13.76 7.00 -23.33
C GLN E 463 14.18 5.82 -24.23
N LYS E 464 15.22 5.08 -23.79
CA LYS E 464 15.71 3.94 -24.57
C LYS E 464 14.88 2.66 -24.44
N GLY E 465 14.27 2.44 -23.28
CA GLY E 465 13.49 1.24 -23.06
C GLY E 465 14.31 0.12 -22.48
N TYR E 466 15.61 0.38 -22.29
CA TYR E 466 16.50 -0.63 -21.74
C TYR E 466 17.65 0.03 -20.96
N VAL E 467 18.15 -0.66 -19.94
CA VAL E 467 19.27 -0.14 -19.16
C VAL E 467 20.47 -0.95 -19.61
N THR E 468 21.66 -0.51 -19.22
CA THR E 468 22.85 -1.22 -19.64
C THR E 468 23.95 -1.34 -18.58
N THR E 469 24.82 -2.33 -18.78
CA THR E 469 25.91 -2.56 -17.83
C THR E 469 27.25 -2.19 -18.43
N LEU E 470 28.24 -2.06 -17.55
CA LEU E 470 29.59 -1.74 -17.95
C LEU E 470 30.05 -2.57 -19.14
N LEU E 471 29.79 -3.88 -19.13
CA LEU E 471 30.22 -4.71 -20.23
C LEU E 471 29.16 -4.87 -21.32
N HIS E 472 28.25 -3.90 -21.40
CA HIS E 472 27.21 -3.89 -22.42
C HIS E 472 26.06 -4.90 -22.32
N ARG E 473 25.79 -5.39 -21.12
CA ARG E 473 24.70 -6.31 -20.93
C ARG E 473 23.49 -5.38 -20.81
N ARG E 474 22.46 -5.58 -21.62
CA ARG E 474 21.30 -4.67 -21.53
C ARG E 474 20.06 -5.31 -20.95
N ARG E 475 19.20 -4.49 -20.33
CA ARG E 475 17.95 -4.98 -19.76
C ARG E 475 16.80 -4.11 -20.20
N TYR E 476 15.88 -4.69 -20.97
CA TYR E 476 14.72 -3.94 -21.45
C TYR E 476 13.70 -3.68 -20.34
N LEU E 477 13.24 -2.45 -20.23
CA LEU E 477 12.26 -2.07 -19.22
C LEU E 477 11.02 -1.38 -19.81
N PRO E 478 10.13 -2.16 -20.44
CA PRO E 478 8.90 -1.64 -21.04
C PRO E 478 7.84 -1.19 -20.03
N ASP E 479 7.92 -1.69 -18.79
CA ASP E 479 6.96 -1.30 -17.77
C ASP E 479 7.31 0.09 -17.26
N ILE E 480 8.45 0.63 -17.70
CA ILE E 480 8.89 1.96 -17.29
C ILE E 480 7.85 3.00 -17.75
N THR E 481 7.14 2.69 -18.84
CA THR E 481 6.13 3.61 -19.37
C THR E 481 4.71 3.32 -18.90
N SER E 482 4.57 2.26 -18.10
CA SER E 482 3.26 1.83 -17.60
C SER E 482 2.43 2.98 -17.06
N ARG E 483 1.11 2.86 -17.21
CA ARG E 483 0.19 3.88 -16.70
C ARG E 483 -0.27 3.47 -15.31
N ASN E 484 0.22 2.33 -14.86
CA ASN E 484 -0.09 1.87 -13.52
C ASN E 484 1.06 2.42 -12.68
N PHE E 485 0.74 3.04 -11.56
CA PHE E 485 1.76 3.62 -10.70
C PHE E 485 2.73 2.64 -10.05
N ASN E 486 2.26 1.46 -9.68
CA ASN E 486 3.15 0.51 -9.05
C ASN E 486 3.97 -0.32 -10.04
N VAL E 487 3.45 -0.48 -11.26
CA VAL E 487 4.19 -1.22 -12.28
C VAL E 487 5.35 -0.32 -12.68
N ARG E 488 5.02 0.96 -12.85
CA ARG E 488 6.03 1.94 -13.21
C ARG E 488 7.09 2.02 -12.12
N SER E 489 6.65 2.01 -10.85
CA SER E 489 7.57 2.11 -9.73
C SER E 489 8.51 0.93 -9.56
N PHE E 490 8.03 -0.28 -9.85
CA PHE E 490 8.88 -1.47 -9.75
C PHE E 490 9.86 -1.41 -10.92
N ALA E 491 9.38 -0.89 -12.05
CA ALA E 491 10.19 -0.75 -13.24
C ALA E 491 11.33 0.21 -12.92
N GLU E 492 10.99 1.35 -12.32
CA GLU E 492 11.99 2.34 -11.97
C GLU E 492 13.03 1.81 -10.97
N ARG E 493 12.61 1.00 -10.00
CA ARG E 493 13.56 0.46 -9.03
C ARG E 493 14.43 -0.61 -9.66
N MET E 494 14.03 -1.04 -10.84
CA MET E 494 14.82 -2.03 -11.55
C MET E 494 15.88 -1.27 -12.32
N ALA E 495 15.52 -0.10 -12.85
CA ALA E 495 16.49 0.71 -13.58
C ALA E 495 17.58 1.21 -12.63
N MET E 496 17.30 1.19 -11.33
CA MET E 496 18.27 1.65 -10.33
C MET E 496 19.19 0.53 -9.88
N ASN E 497 18.68 -0.69 -9.83
CA ASN E 497 19.49 -1.82 -9.36
C ASN E 497 20.18 -2.67 -10.46
N THR E 498 19.52 -2.87 -11.60
CA THR E 498 20.09 -3.68 -12.67
C THR E 498 21.44 -3.19 -13.23
N PRO E 499 21.58 -1.89 -13.50
CA PRO E 499 22.89 -1.51 -14.02
C PRO E 499 23.99 -1.83 -13.01
N ILE E 500 23.71 -1.61 -11.73
CA ILE E 500 24.71 -1.87 -10.69
C ILE E 500 24.86 -3.34 -10.33
N GLN E 501 23.76 -4.02 -10.07
CA GLN E 501 23.84 -5.45 -9.76
C GLN E 501 24.48 -6.19 -10.95
N GLY E 502 24.13 -5.74 -12.16
CA GLY E 502 24.65 -6.33 -13.38
C GLY E 502 26.11 -6.07 -13.70
N SER E 503 26.58 -4.86 -13.46
CA SER E 503 27.97 -4.54 -13.73
C SER E 503 28.86 -5.31 -12.76
N ALA E 504 28.41 -5.46 -11.53
CA ALA E 504 29.14 -6.20 -10.52
C ALA E 504 29.24 -7.68 -10.92
N ALA E 505 28.19 -8.19 -11.56
CA ALA E 505 28.14 -9.57 -12.01
C ALA E 505 29.02 -9.76 -13.24
N ASP E 506 29.17 -8.70 -14.03
CA ASP E 506 29.99 -8.78 -15.21
C ASP E 506 31.45 -8.87 -14.77
N ILE E 507 31.80 -8.08 -13.76
CA ILE E 507 33.17 -8.04 -13.25
C ILE E 507 33.60 -9.33 -12.57
N ILE E 508 32.70 -9.98 -11.85
CA ILE E 508 33.11 -11.22 -11.20
C ILE E 508 33.23 -12.32 -12.27
N LYS E 509 32.59 -12.09 -13.43
CA LYS E 509 32.62 -13.04 -14.53
C LYS E 509 33.92 -12.89 -15.31
N LYS E 510 34.38 -11.66 -15.46
CA LYS E 510 35.60 -11.38 -16.17
C LYS E 510 36.79 -11.80 -15.32
N ALA E 511 36.72 -11.51 -14.02
CA ALA E 511 37.78 -11.88 -13.09
C ALA E 511 37.93 -13.38 -13.16
N MET E 512 36.81 -14.08 -13.22
CA MET E 512 36.83 -15.54 -13.31
C MET E 512 37.55 -15.97 -14.58
N ILE E 513 37.35 -15.21 -15.66
CA ILE E 513 38.00 -15.51 -16.93
C ILE E 513 39.50 -15.30 -16.80
N ASP E 514 39.92 -14.23 -16.13
CA ASP E 514 41.35 -13.98 -15.95
C ASP E 514 41.96 -14.98 -14.97
N LEU E 515 41.18 -15.41 -13.98
CA LEU E 515 41.67 -16.35 -12.98
C LEU E 515 41.97 -17.74 -13.53
N ASN E 516 41.12 -18.23 -14.43
CA ASN E 516 41.34 -19.53 -15.03
C ASN E 516 42.50 -19.39 -16.02
N ALA E 517 42.51 -18.27 -16.75
CA ALA E 517 43.59 -18.02 -17.69
C ALA E 517 44.95 -17.92 -16.95
N ARG E 518 44.93 -17.37 -15.74
CA ARG E 518 46.17 -17.23 -14.95
C ARG E 518 46.58 -18.56 -14.33
N LEU E 519 45.63 -19.22 -13.69
CA LEU E 519 45.89 -20.51 -13.05
C LEU E 519 46.40 -21.53 -14.08
N LYS E 520 45.98 -21.36 -15.33
CA LYS E 520 46.37 -22.25 -16.41
C LYS E 520 47.75 -21.94 -16.99
N GLU E 521 48.03 -20.66 -17.21
CA GLU E 521 49.31 -20.31 -17.80
C GLU E 521 50.43 -20.39 -16.78
N GLU E 522 50.06 -20.65 -15.53
CA GLU E 522 51.00 -20.79 -14.43
C GLU E 522 50.92 -22.25 -13.97
N ARG E 523 49.97 -22.97 -14.56
CA ARG E 523 49.75 -24.38 -14.28
C ARG E 523 49.80 -24.74 -12.79
N LEU E 524 48.68 -24.52 -12.10
CA LEU E 524 48.59 -24.84 -10.67
C LEU E 524 47.54 -25.91 -10.46
N GLN E 525 47.62 -26.62 -9.33
CA GLN E 525 46.68 -27.67 -8.96
C GLN E 525 45.37 -27.04 -8.46
N ALA E 526 45.40 -25.73 -8.19
CA ALA E 526 44.24 -25.01 -7.68
C ALA E 526 43.20 -24.71 -8.74
N HIS E 527 41.94 -24.68 -8.33
CA HIS E 527 40.84 -24.39 -9.24
C HIS E 527 39.62 -23.85 -8.51
N LEU E 528 38.76 -23.17 -9.26
CA LEU E 528 37.54 -22.61 -8.72
C LEU E 528 36.57 -23.70 -8.29
N LEU E 529 35.84 -23.45 -7.22
CA LEU E 529 34.87 -24.39 -6.72
C LEU E 529 33.48 -23.76 -6.76
N LEU E 530 33.40 -22.49 -6.40
CA LEU E 530 32.12 -21.79 -6.36
C LEU E 530 32.24 -20.32 -6.70
N GLN E 531 31.12 -19.73 -7.07
CA GLN E 531 31.05 -18.29 -7.31
C GLN E 531 29.85 -17.88 -6.46
N VAL E 532 30.03 -16.90 -5.59
CA VAL E 532 28.96 -16.44 -4.73
C VAL E 532 28.70 -14.95 -4.93
N HIS E 533 28.30 -14.61 -6.16
CA HIS E 533 27.96 -13.25 -6.57
C HIS E 533 29.12 -12.27 -6.59
N ASP E 534 29.94 -12.26 -5.56
CA ASP E 534 31.08 -11.36 -5.59
C ASP E 534 32.21 -11.95 -4.75
N GLU E 535 32.25 -13.28 -4.78
CA GLU E 535 33.22 -14.09 -4.06
C GLU E 535 33.49 -15.40 -4.81
N LEU E 536 34.77 -15.75 -4.92
CA LEU E 536 35.17 -16.98 -5.60
C LEU E 536 35.77 -17.88 -4.53
N ILE E 537 35.55 -19.18 -4.65
CA ILE E 537 36.08 -20.10 -3.66
C ILE E 537 36.83 -21.22 -4.36
N LEU E 538 38.16 -21.18 -4.20
CA LEU E 538 39.06 -22.15 -4.80
C LEU E 538 39.61 -23.15 -3.80
N GLU E 539 40.09 -24.27 -4.31
CA GLU E 539 40.71 -25.30 -3.48
C GLU E 539 42.05 -25.60 -4.10
N ALA E 540 43.08 -25.78 -3.27
CA ALA E 540 44.43 -26.06 -3.75
C ALA E 540 45.29 -26.71 -2.67
N PRO E 541 46.43 -27.28 -3.07
CA PRO E 541 47.28 -27.90 -2.05
C PRO E 541 47.85 -26.77 -1.19
N LYS E 542 48.22 -27.08 0.05
CA LYS E 542 48.75 -26.09 0.96
C LYS E 542 49.95 -25.32 0.38
N GLU E 543 50.73 -26.01 -0.44
CA GLU E 543 51.93 -25.44 -1.06
C GLU E 543 51.69 -24.32 -2.09
N GLU E 544 50.43 -24.08 -2.46
CA GLU E 544 50.14 -23.06 -3.45
C GLU E 544 49.52 -21.82 -2.82
N MET E 545 49.10 -21.94 -1.57
CA MET E 545 48.48 -20.83 -0.87
C MET E 545 49.23 -19.51 -0.96
N GLU E 546 50.55 -19.54 -0.74
CA GLU E 546 51.32 -18.31 -0.79
C GLU E 546 51.27 -17.62 -2.14
N ARG E 547 51.10 -18.38 -3.22
CA ARG E 547 51.02 -17.77 -4.53
C ARG E 547 49.58 -17.33 -4.78
N LEU E 548 48.63 -18.02 -4.14
CA LEU E 548 47.21 -17.71 -4.29
C LEU E 548 46.92 -16.36 -3.64
N CYS E 549 47.32 -16.23 -2.37
CA CYS E 549 47.11 -15.00 -1.60
C CYS E 549 47.50 -13.75 -2.36
N ARG E 550 48.23 -13.92 -3.46
CA ARG E 550 48.61 -12.75 -4.22
C ARG E 550 47.98 -12.73 -5.60
N LEU E 551 47.91 -13.90 -6.23
CA LEU E 551 47.35 -13.95 -7.57
C LEU E 551 45.82 -13.80 -7.58
N VAL E 552 45.12 -14.44 -6.65
CA VAL E 552 43.67 -14.34 -6.64
C VAL E 552 43.14 -12.92 -6.41
N PRO E 553 43.72 -12.20 -5.43
CA PRO E 553 43.22 -10.84 -5.21
C PRO E 553 43.60 -9.91 -6.36
N GLU E 554 44.85 -10.01 -6.80
CA GLU E 554 45.36 -9.18 -7.88
C GLU E 554 44.55 -9.30 -9.16
N VAL E 555 44.18 -10.52 -9.52
CA VAL E 555 43.40 -10.74 -10.74
C VAL E 555 42.06 -10.03 -10.64
N MET E 556 41.39 -10.22 -9.52
CA MET E 556 40.07 -9.62 -9.26
C MET E 556 40.05 -8.10 -9.22
N GLU E 557 41.09 -7.48 -8.68
CA GLU E 557 41.11 -6.03 -8.60
C GLU E 557 41.48 -5.40 -9.93
N GLN E 558 42.11 -6.18 -10.81
CA GLN E 558 42.55 -5.72 -12.13
C GLN E 558 41.51 -5.88 -13.25
N ALA E 559 40.60 -6.84 -13.09
CA ALA E 559 39.56 -7.09 -14.07
C ALA E 559 39.14 -5.85 -14.88
N VAL E 560 38.69 -4.81 -14.19
CA VAL E 560 38.29 -3.57 -14.86
C VAL E 560 38.80 -2.38 -14.08
N THR E 561 39.12 -1.31 -14.79
CA THR E 561 39.60 -0.09 -14.16
C THR E 561 38.44 0.87 -13.96
N LEU E 562 38.05 1.10 -12.71
CA LEU E 562 36.95 2.02 -12.39
C LEU E 562 37.59 3.33 -11.95
N ARG E 563 36.76 4.30 -11.55
CA ARG E 563 37.28 5.56 -11.05
C ARG E 563 37.62 5.35 -9.57
N VAL E 564 37.22 4.20 -9.04
CA VAL E 564 37.50 3.86 -7.66
C VAL E 564 38.30 2.56 -7.67
N PRO E 565 39.00 2.25 -6.55
CA PRO E 565 39.80 1.03 -6.51
C PRO E 565 38.95 -0.16 -6.11
N LEU E 566 39.24 -1.31 -6.71
CA LEU E 566 38.54 -2.53 -6.35
C LEU E 566 39.39 -3.03 -5.21
N LYS E 567 38.81 -3.84 -4.32
CA LYS E 567 39.55 -4.37 -3.19
C LYS E 567 39.00 -5.73 -2.79
N VAL E 568 39.89 -6.70 -2.62
CA VAL E 568 39.48 -8.03 -2.24
C VAL E 568 39.93 -8.45 -0.83
N ASP E 569 39.06 -9.20 -0.16
CA ASP E 569 39.34 -9.74 1.16
C ASP E 569 39.48 -11.21 0.86
N TYR E 570 40.42 -11.87 1.53
CA TYR E 570 40.63 -13.28 1.27
C TYR E 570 41.16 -14.01 2.49
N HIS E 571 40.77 -15.27 2.60
CA HIS E 571 41.20 -16.12 3.69
C HIS E 571 41.15 -17.56 3.23
N TYR E 572 41.80 -18.44 3.98
CA TYR E 572 41.78 -19.84 3.62
C TYR E 572 41.84 -20.74 4.85
N GLY E 573 41.68 -22.05 4.65
CA GLY E 573 41.71 -22.95 5.79
C GLY E 573 41.28 -24.36 5.40
N SER E 574 41.19 -25.24 6.40
CA SER E 574 40.83 -26.62 6.17
C SER E 574 39.38 -26.87 5.74
N THR E 575 38.48 -25.94 6.04
CA THR E 575 37.07 -26.10 5.63
C THR E 575 36.55 -24.77 5.08
N TRP E 576 35.28 -24.72 4.69
CA TRP E 576 34.71 -23.48 4.17
C TRP E 576 34.63 -22.49 5.32
N TYR E 577 34.31 -23.02 6.50
CA TYR E 577 34.22 -22.19 7.69
C TYR E 577 35.60 -21.72 8.10
N ASP E 578 36.58 -22.63 7.98
CA ASP E 578 37.97 -22.32 8.32
C ASP E 578 38.49 -21.19 7.45
N ALA E 579 38.00 -21.14 6.21
CA ALA E 579 38.42 -20.12 5.26
C ALA E 579 37.86 -18.74 5.61
N LYS E 580 38.45 -18.11 6.62
CA LYS E 580 38.00 -16.78 7.05
C LYS E 580 39.06 -16.03 7.86
N ALA F 1 -33.00 -5.62 40.03
CA ALA F 1 -33.29 -4.52 40.99
C ALA F 1 -34.17 -3.44 40.36
N LYS F 2 -35.16 -2.99 41.11
CA LYS F 2 -36.07 -1.94 40.64
C LYS F 2 -35.77 -0.66 41.43
N MET F 3 -35.94 0.47 40.77
CA MET F 3 -35.70 1.78 41.38
C MET F 3 -37.02 2.37 41.89
N ALA F 4 -36.95 3.26 42.87
CA ALA F 4 -38.13 3.89 43.46
C ALA F 4 -38.64 5.11 42.72
N PHE F 5 -39.90 5.06 42.29
CA PHE F 5 -40.52 6.18 41.58
C PHE F 5 -42.04 6.18 41.71
N THR F 6 -42.62 7.38 41.66
CA THR F 6 -44.05 7.54 41.76
C THR F 6 -44.65 7.41 40.36
N LEU F 7 -45.71 6.62 40.23
CA LEU F 7 -46.38 6.45 38.95
C LEU F 7 -47.75 7.13 39.06
N ALA F 8 -47.71 8.46 38.98
CA ALA F 8 -48.88 9.33 39.13
C ALA F 8 -50.12 9.09 38.27
N ASP F 9 -51.20 9.76 38.67
CA ASP F 9 -52.48 9.72 37.98
C ASP F 9 -52.75 11.11 37.43
N ARG F 10 -52.65 12.12 38.30
CA ARG F 10 -52.84 13.50 37.87
C ARG F 10 -51.45 14.12 37.95
N VAL F 11 -51.32 15.35 37.49
CA VAL F 11 -50.05 16.04 37.56
C VAL F 11 -50.16 16.86 38.83
N THR F 12 -49.23 16.69 39.76
CA THR F 12 -49.31 17.45 40.99
C THR F 12 -48.19 18.47 40.99
N GLU F 13 -48.39 19.54 41.77
CA GLU F 13 -47.40 20.60 41.84
C GLU F 13 -45.98 20.10 42.05
N GLU F 14 -45.83 19.01 42.80
CA GLU F 14 -44.51 18.44 43.08
C GLU F 14 -43.82 18.07 41.76
N MET F 15 -44.61 17.56 40.81
CA MET F 15 -44.10 17.18 39.50
C MET F 15 -43.86 18.41 38.64
N LEU F 16 -43.52 19.54 39.26
CA LEU F 16 -43.29 20.78 38.53
C LEU F 16 -42.25 21.68 39.21
N ALA F 17 -41.24 21.06 39.83
CA ALA F 17 -40.18 21.80 40.52
C ALA F 17 -39.48 22.82 39.62
N ASP F 18 -38.59 23.63 40.20
CA ASP F 18 -37.87 24.63 39.43
C ASP F 18 -36.71 24.04 38.64
N LYS F 19 -35.95 23.15 39.29
CA LYS F 19 -34.83 22.50 38.62
C LYS F 19 -35.24 21.04 38.50
N ALA F 20 -35.06 20.45 37.32
CA ALA F 20 -35.44 19.07 37.14
C ALA F 20 -34.70 18.34 36.03
N ALA F 21 -34.67 17.02 36.15
CA ALA F 21 -34.09 16.17 35.13
C ALA F 21 -35.38 15.73 34.46
N LEU F 22 -35.44 15.83 33.14
CA LEU F 22 -36.65 15.48 32.41
C LEU F 22 -36.39 14.54 31.24
N VAL F 23 -37.28 13.59 31.06
CA VAL F 23 -37.17 12.65 29.98
C VAL F 23 -38.52 12.64 29.28
N VAL F 24 -38.50 12.93 27.99
CA VAL F 24 -39.71 12.92 27.16
C VAL F 24 -39.27 11.99 26.05
N GLU F 25 -39.58 10.71 26.21
CA GLU F 25 -39.15 9.67 25.29
C GLU F 25 -39.84 9.47 23.95
N VAL F 26 -39.02 9.35 22.91
CA VAL F 26 -39.44 9.13 21.53
C VAL F 26 -38.58 7.97 21.03
N VAL F 27 -39.23 6.89 20.57
CA VAL F 27 -38.52 5.70 20.13
C VAL F 27 -38.20 5.55 18.64
N GLU F 28 -39.03 6.11 17.74
CA GLU F 28 -38.73 6.02 16.31
C GLU F 28 -37.34 6.62 16.13
N GLU F 29 -36.56 6.11 15.20
CA GLU F 29 -35.22 6.65 14.99
C GLU F 29 -35.39 8.10 14.52
N ASN F 30 -36.29 8.31 13.56
CA ASN F 30 -36.56 9.65 13.04
C ASN F 30 -37.63 10.26 13.93
N TYR F 31 -37.24 11.20 14.79
CA TYR F 31 -38.17 11.82 15.72
C TYR F 31 -39.21 12.82 15.18
N HIS F 32 -39.26 13.02 13.87
CA HIS F 32 -40.25 13.94 13.31
C HIS F 32 -41.62 13.28 13.27
N ALA F 33 -42.61 13.96 13.84
CA ALA F 33 -43.97 13.45 13.89
C ALA F 33 -44.00 12.02 14.42
N ALA F 34 -43.14 11.74 15.38
CA ALA F 34 -43.07 10.40 15.99
C ALA F 34 -43.73 10.44 17.36
N PRO F 35 -44.24 9.28 17.82
CA PRO F 35 -44.90 9.16 19.13
C PRO F 35 -44.02 9.44 20.34
N ILE F 36 -44.64 9.87 21.43
CA ILE F 36 -43.95 10.11 22.69
C ILE F 36 -44.44 8.96 23.57
N VAL F 37 -43.53 8.08 24.00
CA VAL F 37 -43.92 6.92 24.80
C VAL F 37 -43.89 6.99 26.32
N GLY F 38 -43.76 8.19 26.87
CA GLY F 38 -43.75 8.30 28.32
C GLY F 38 -42.86 9.43 28.83
N ILE F 39 -43.32 10.12 29.86
CA ILE F 39 -42.57 11.22 30.44
C ILE F 39 -42.02 10.84 31.82
N ALA F 40 -40.71 10.97 32.00
CA ALA F 40 -40.09 10.67 33.28
C ALA F 40 -39.55 11.98 33.86
N VAL F 41 -39.84 12.23 35.14
CA VAL F 41 -39.38 13.43 35.81
C VAL F 41 -38.69 13.05 37.11
N VAL F 42 -37.58 13.71 37.40
CA VAL F 42 -36.85 13.45 38.63
C VAL F 42 -36.35 14.77 39.20
N ASN F 43 -36.77 15.06 40.43
CA ASN F 43 -36.37 16.28 41.12
C ASN F 43 -36.27 15.93 42.60
N GLU F 44 -36.09 16.94 43.45
CA GLU F 44 -35.95 16.71 44.89
C GLU F 44 -37.08 15.97 45.62
N HIS F 45 -38.32 16.29 45.27
CA HIS F 45 -39.48 15.67 45.91
C HIS F 45 -39.63 14.19 45.52
N GLY F 46 -38.94 13.78 44.47
CA GLY F 46 -39.02 12.40 44.06
C GLY F 46 -38.81 12.15 42.58
N ARG F 47 -39.14 10.94 42.16
CA ARG F 47 -39.00 10.53 40.77
C ARG F 47 -40.39 10.12 40.31
N PHE F 48 -40.81 10.57 39.13
CA PHE F 48 -42.13 10.23 38.64
C PHE F 48 -42.22 9.84 37.17
N PHE F 49 -43.18 8.96 36.87
CA PHE F 49 -43.44 8.51 35.51
C PHE F 49 -44.77 9.15 35.18
N LEU F 50 -45.06 9.31 33.89
CA LEU F 50 -46.32 9.89 33.44
C LEU F 50 -46.71 9.44 32.05
N ARG F 51 -47.99 9.15 31.88
CA ARG F 51 -48.50 8.75 30.57
C ARG F 51 -48.42 10.03 29.76
N PRO F 52 -48.09 9.93 28.46
CA PRO F 52 -48.03 11.17 27.67
C PRO F 52 -49.40 11.85 27.68
N GLU F 53 -50.45 11.04 27.52
CA GLU F 53 -51.83 11.54 27.49
C GLU F 53 -52.25 12.28 28.76
N THR F 54 -51.58 11.99 29.88
CA THR F 54 -51.92 12.66 31.13
C THR F 54 -51.15 13.98 31.25
N ALA F 55 -49.83 13.90 31.13
CA ALA F 55 -48.99 15.09 31.23
C ALA F 55 -49.24 16.11 30.12
N LEU F 56 -49.06 15.67 28.88
CA LEU F 56 -49.25 16.52 27.71
C LEU F 56 -50.65 17.11 27.56
N ALA F 57 -51.63 16.49 28.19
CA ALA F 57 -53.01 16.99 28.10
C ALA F 57 -53.35 17.79 29.36
N ASP F 58 -52.36 17.94 30.25
CA ASP F 58 -52.59 18.67 31.48
C ASP F 58 -52.08 20.11 31.33
N PRO F 59 -53.01 21.09 31.38
CA PRO F 59 -52.68 22.51 31.24
C PRO F 59 -51.53 22.92 32.17
N GLN F 60 -51.57 22.39 33.38
CA GLN F 60 -50.56 22.67 34.39
C GLN F 60 -49.18 22.22 33.87
N PHE F 61 -49.12 20.98 33.40
CA PHE F 61 -47.89 20.39 32.90
C PHE F 61 -47.38 21.02 31.60
N VAL F 62 -48.22 21.04 30.57
CA VAL F 62 -47.80 21.62 29.30
C VAL F 62 -47.28 23.02 29.58
N ALA F 63 -47.94 23.71 30.51
CA ALA F 63 -47.53 25.06 30.88
C ALA F 63 -46.11 25.03 31.41
N TRP F 64 -45.79 23.97 32.16
CA TRP F 64 -44.47 23.81 32.76
C TRP F 64 -43.39 23.47 31.73
N LEU F 65 -43.75 22.72 30.69
CA LEU F 65 -42.81 22.37 29.63
C LEU F 65 -42.23 23.64 29.02
N GLY F 66 -43.05 24.68 28.93
CA GLY F 66 -42.63 25.94 28.34
C GLY F 66 -42.17 27.05 29.29
N ASP F 67 -41.95 26.72 30.57
CA ASP F 67 -41.50 27.74 31.52
C ASP F 67 -39.97 27.88 31.54
N GLU F 68 -39.46 28.92 30.89
CA GLU F 68 -38.02 29.15 30.84
C GLU F 68 -37.34 29.28 32.20
N THR F 69 -38.12 29.57 33.23
CA THR F 69 -37.54 29.72 34.55
C THR F 69 -37.34 28.38 35.24
N LYS F 70 -38.07 27.36 34.81
CA LYS F 70 -37.94 26.01 35.36
C LYS F 70 -36.83 25.36 34.55
N LYS F 71 -35.63 25.27 35.11
CA LYS F 71 -34.49 24.70 34.41
C LYS F 71 -34.54 23.17 34.34
N LYS F 72 -34.36 22.63 33.15
CA LYS F 72 -34.38 21.19 32.97
C LYS F 72 -33.03 20.64 32.56
N SER F 73 -32.84 19.34 32.83
CA SER F 73 -31.63 18.62 32.48
C SER F 73 -32.17 17.49 31.61
N MET F 74 -31.55 17.29 30.45
CA MET F 74 -32.01 16.22 29.55
C MET F 74 -30.87 15.60 28.76
N PHE F 75 -31.23 14.59 27.98
CA PHE F 75 -30.31 13.90 27.08
C PHE F 75 -31.01 14.02 25.75
N ASP F 76 -30.34 14.64 24.77
CA ASP F 76 -30.91 14.87 23.44
C ASP F 76 -32.22 15.63 23.59
N SER F 77 -32.10 16.87 24.07
CA SER F 77 -33.26 17.73 24.27
C SER F 77 -33.89 18.10 22.93
N LYS F 78 -33.09 18.04 21.86
CA LYS F 78 -33.60 18.40 20.54
C LYS F 78 -34.67 17.39 20.15
N ARG F 79 -34.48 16.12 20.51
CA ARG F 79 -35.49 15.10 20.20
C ARG F 79 -36.79 15.47 20.92
N ALA F 80 -36.68 15.87 22.18
CA ALA F 80 -37.83 16.24 22.99
C ALA F 80 -38.49 17.53 22.48
N ALA F 81 -37.67 18.52 22.17
CA ALA F 81 -38.17 19.80 21.66
C ALA F 81 -38.92 19.65 20.34
N VAL F 82 -38.32 18.93 19.40
CA VAL F 82 -38.95 18.72 18.10
C VAL F 82 -40.20 17.86 18.24
N ALA F 83 -40.08 16.74 18.96
CA ALA F 83 -41.23 15.86 19.15
C ALA F 83 -42.42 16.63 19.71
N LEU F 84 -42.14 17.50 20.68
CA LEU F 84 -43.20 18.31 21.29
C LEU F 84 -43.69 19.40 20.34
N LYS F 85 -42.81 19.91 19.49
CA LYS F 85 -43.23 20.93 18.54
C LYS F 85 -44.24 20.35 17.58
N TRP F 86 -44.22 19.04 17.42
CA TRP F 86 -45.17 18.37 16.54
C TRP F 86 -46.47 18.09 17.29
N LYS F 87 -46.42 18.20 18.61
CA LYS F 87 -47.58 17.97 19.47
C LYS F 87 -48.26 19.31 19.71
N GLY F 88 -47.62 20.38 19.25
CA GLY F 88 -48.12 21.72 19.44
C GLY F 88 -47.72 22.25 20.81
N ILE F 89 -46.62 21.72 21.35
CA ILE F 89 -46.14 22.13 22.67
C ILE F 89 -44.71 22.65 22.58
N GLU F 90 -44.43 23.74 23.28
CA GLU F 90 -43.10 24.36 23.26
C GLU F 90 -42.27 24.04 24.50
N LEU F 91 -41.02 23.65 24.26
CA LEU F 91 -40.10 23.29 25.35
C LEU F 91 -39.05 24.38 25.54
N CYS F 92 -38.91 24.87 26.76
CA CYS F 92 -37.94 25.91 27.07
C CYS F 92 -37.23 25.66 28.41
N GLY F 93 -36.17 26.42 28.67
CA GLY F 93 -35.46 26.29 29.92
C GLY F 93 -34.50 25.14 30.11
N VAL F 94 -34.17 24.44 29.03
CA VAL F 94 -33.23 23.34 29.13
C VAL F 94 -31.88 24.00 29.42
N SER F 95 -31.29 23.67 30.57
CA SER F 95 -30.01 24.25 30.97
C SER F 95 -28.82 23.28 30.93
N PHE F 96 -29.08 22.05 30.51
CA PHE F 96 -28.04 21.03 30.42
C PHE F 96 -28.53 19.86 29.57
N ASP F 97 -27.77 19.51 28.54
CA ASP F 97 -28.12 18.40 27.66
C ASP F 97 -26.96 17.41 27.73
N LEU F 98 -27.15 16.33 28.47
CA LEU F 98 -26.12 15.29 28.65
C LEU F 98 -25.48 14.83 27.33
N LEU F 99 -26.31 14.58 26.32
CA LEU F 99 -25.81 14.16 25.02
C LEU F 99 -24.80 15.13 24.46
N LEU F 100 -24.93 16.41 24.80
CA LEU F 100 -23.99 17.40 24.30
C LEU F 100 -22.77 17.46 25.20
N ALA F 101 -22.97 17.24 26.50
CA ALA F 101 -21.86 17.25 27.45
C ALA F 101 -20.97 16.06 27.09
N ALA F 102 -21.58 14.88 26.96
CA ALA F 102 -20.86 13.68 26.60
C ALA F 102 -20.12 13.89 25.26
N TYR F 103 -20.90 14.14 24.21
CA TYR F 103 -20.32 14.41 22.89
C TYR F 103 -19.11 15.34 23.00
N LEU F 104 -19.23 16.40 23.78
CA LEU F 104 -18.13 17.34 23.92
C LEU F 104 -16.93 16.75 24.66
N LEU F 105 -17.16 16.00 25.74
CA LEU F 105 -16.05 15.41 26.48
C LEU F 105 -15.19 14.48 25.61
N ASP F 106 -15.85 13.62 24.84
CA ASP F 106 -15.12 12.68 23.98
C ASP F 106 -16.02 12.29 22.84
N PRO F 107 -15.88 12.96 21.69
CA PRO F 107 -16.73 12.64 20.53
C PRO F 107 -16.56 11.19 20.06
N ALA F 108 -15.36 10.64 20.28
CA ALA F 108 -15.05 9.28 19.88
C ALA F 108 -15.90 8.17 20.49
N GLN F 109 -16.50 8.41 21.67
CA GLN F 109 -17.32 7.38 22.29
C GLN F 109 -18.62 7.06 21.54
N GLY F 110 -19.01 7.91 20.61
CA GLY F 110 -20.23 7.66 19.87
C GLY F 110 -21.46 7.53 20.77
N VAL F 111 -21.40 8.16 21.94
CA VAL F 111 -22.50 8.15 22.91
C VAL F 111 -23.84 8.31 22.21
N ASP F 112 -24.67 7.26 22.26
CA ASP F 112 -25.98 7.29 21.62
C ASP F 112 -27.14 7.24 22.61
N ASP F 113 -26.84 7.01 23.88
CA ASP F 113 -27.87 6.94 24.91
C ASP F 113 -27.35 7.29 26.30
N VAL F 114 -28.26 7.57 27.22
CA VAL F 114 -27.90 7.93 28.59
C VAL F 114 -26.89 6.99 29.26
N ALA F 115 -27.03 5.69 29.03
CA ALA F 115 -26.13 4.70 29.63
C ALA F 115 -24.70 4.85 29.12
N ALA F 116 -24.57 5.25 27.85
CA ALA F 116 -23.27 5.45 27.26
C ALA F 116 -22.56 6.63 27.92
N ALA F 117 -23.32 7.68 28.23
CA ALA F 117 -22.75 8.87 28.87
C ALA F 117 -22.53 8.55 30.34
N ALA F 118 -23.47 7.79 30.91
CA ALA F 118 -23.39 7.41 32.31
C ALA F 118 -22.07 6.68 32.64
N LYS F 119 -21.67 5.78 31.75
CA LYS F 119 -20.45 4.98 31.92
C LYS F 119 -19.15 5.77 31.99
N MET F 120 -19.13 6.89 31.27
CA MET F 120 -17.96 7.76 31.21
C MET F 120 -17.58 8.34 32.58
N LYS F 121 -18.53 8.38 33.51
CA LYS F 121 -18.29 8.89 34.86
C LYS F 121 -18.61 7.85 35.95
N GLN F 122 -18.24 6.60 35.67
CA GLN F 122 -18.43 5.46 36.58
C GLN F 122 -19.87 5.33 37.08
N TYR F 123 -20.82 5.48 36.17
CA TYR F 123 -22.23 5.36 36.53
C TYR F 123 -22.89 4.36 35.61
N GLU F 124 -23.46 3.32 36.20
CA GLU F 124 -24.11 2.29 35.42
C GLU F 124 -25.46 1.80 35.96
N ALA F 125 -26.05 2.57 36.87
CA ALA F 125 -27.35 2.21 37.44
C ALA F 125 -28.46 2.59 36.47
N VAL F 126 -28.19 2.34 35.20
CA VAL F 126 -29.15 2.62 34.13
C VAL F 126 -28.67 1.78 32.97
N ARG F 127 -29.59 1.20 32.22
CA ARG F 127 -29.21 0.37 31.09
C ARG F 127 -29.39 1.05 29.73
N PRO F 128 -28.67 0.56 28.70
CA PRO F 128 -28.75 1.10 27.34
C PRO F 128 -30.12 0.84 26.72
N ASP F 129 -30.60 1.80 25.94
CA ASP F 129 -31.91 1.65 25.31
C ASP F 129 -32.04 0.40 24.45
N GLU F 130 -30.91 -0.17 24.03
CA GLU F 130 -30.92 -1.37 23.20
C GLU F 130 -31.42 -2.58 23.98
N ALA F 131 -31.01 -2.66 25.25
CA ALA F 131 -31.39 -3.76 26.12
C ALA F 131 -32.79 -3.57 26.71
N VAL F 132 -33.51 -2.59 26.20
CA VAL F 132 -34.85 -2.33 26.71
C VAL F 132 -35.87 -2.33 25.58
N TYR F 133 -35.41 -2.09 24.37
CA TYR F 133 -36.30 -2.05 23.20
C TYR F 133 -36.01 -3.10 22.14
N GLY F 134 -34.75 -3.47 21.97
CA GLY F 134 -34.38 -4.44 20.96
C GLY F 134 -33.64 -3.74 19.83
N LYS F 135 -33.37 -4.47 18.74
CA LYS F 135 -32.64 -3.90 17.61
C LYS F 135 -33.48 -3.71 16.35
N GLY F 136 -33.21 -2.64 15.62
CA GLY F 136 -33.94 -2.36 14.39
C GLY F 136 -35.42 -2.65 14.42
N ALA F 137 -35.82 -3.74 13.77
CA ALA F 137 -37.23 -4.13 13.71
C ALA F 137 -37.63 -4.87 14.98
N LYS F 138 -36.64 -5.47 15.64
CA LYS F 138 -36.88 -6.19 16.88
C LYS F 138 -37.19 -5.18 17.98
N ARG F 139 -36.92 -3.91 17.70
CA ARG F 139 -37.15 -2.83 18.65
C ARG F 139 -38.62 -2.54 18.90
N ALA F 140 -39.06 -2.76 20.13
CA ALA F 140 -40.45 -2.54 20.51
C ALA F 140 -40.54 -1.87 21.87
N VAL F 141 -41.66 -1.18 22.11
CA VAL F 141 -41.86 -0.50 23.38
C VAL F 141 -42.37 -1.52 24.38
N PRO F 142 -41.60 -1.75 25.46
CA PRO F 142 -41.97 -2.71 26.50
C PRO F 142 -43.21 -2.34 27.30
N ASP F 143 -43.60 -3.22 28.22
CA ASP F 143 -44.75 -3.02 29.06
C ASP F 143 -44.52 -1.78 29.91
N GLU F 144 -45.61 -1.17 30.38
CA GLU F 144 -45.50 0.03 31.20
C GLU F 144 -44.49 -0.14 32.33
N PRO F 145 -44.66 -1.16 33.19
CA PRO F 145 -43.75 -1.39 34.30
C PRO F 145 -42.27 -1.34 33.93
N VAL F 146 -41.90 -2.04 32.86
CA VAL F 146 -40.53 -2.10 32.40
C VAL F 146 -40.06 -0.75 31.88
N LEU F 147 -40.92 -0.10 31.10
CA LEU F 147 -40.62 1.20 30.51
C LEU F 147 -40.58 2.32 31.53
N ALA F 148 -41.47 2.26 32.52
CA ALA F 148 -41.53 3.27 33.55
C ALA F 148 -40.22 3.44 34.31
N GLU F 149 -39.67 2.34 34.80
CA GLU F 149 -38.43 2.43 35.56
C GLU F 149 -37.23 2.72 34.66
N HIS F 150 -37.29 2.29 33.41
CA HIS F 150 -36.21 2.53 32.47
C HIS F 150 -36.08 4.03 32.23
N LEU F 151 -37.21 4.70 32.02
CA LEU F 151 -37.18 6.15 31.79
C LEU F 151 -36.81 6.89 33.08
N VAL F 152 -37.25 6.36 34.22
CA VAL F 152 -36.93 6.98 35.51
C VAL F 152 -35.44 6.84 35.84
N ARG F 153 -34.85 5.68 35.59
CA ARG F 153 -33.42 5.49 35.86
C ARG F 153 -32.55 6.41 35.01
N LYS F 154 -33.00 6.72 33.80
CA LYS F 154 -32.24 7.62 32.94
C LYS F 154 -32.31 9.02 33.53
N ALA F 155 -33.45 9.37 34.11
CA ALA F 155 -33.62 10.67 34.73
C ALA F 155 -32.70 10.82 35.95
N ALA F 156 -32.64 9.77 36.78
CA ALA F 156 -31.80 9.80 37.96
C ALA F 156 -30.33 10.00 37.56
N ALA F 157 -29.90 9.31 36.50
CA ALA F 157 -28.52 9.44 36.02
C ALA F 157 -28.24 10.89 35.59
N ILE F 158 -29.14 11.44 34.77
CA ILE F 158 -29.01 12.81 34.27
C ILE F 158 -28.92 13.78 35.44
N TRP F 159 -29.72 13.52 36.49
CA TRP F 159 -29.74 14.36 37.67
C TRP F 159 -28.41 14.26 38.42
N GLU F 160 -27.90 13.05 38.53
CA GLU F 160 -26.63 12.79 39.22
C GLU F 160 -25.40 13.16 38.39
N LEU F 161 -25.45 12.91 37.09
CA LEU F 161 -24.33 13.17 36.19
C LEU F 161 -24.13 14.59 35.68
N GLU F 162 -25.16 15.43 35.74
CA GLU F 162 -24.97 16.80 35.25
C GLU F 162 -23.79 17.47 35.96
N ARG F 163 -23.61 17.18 37.25
CA ARG F 163 -22.53 17.78 38.01
C ARG F 163 -21.10 17.34 37.66
N PRO F 164 -20.84 16.03 37.53
CA PRO F 164 -19.48 15.59 37.20
C PRO F 164 -19.08 15.95 35.77
N PHE F 165 -20.08 16.20 34.91
CA PHE F 165 -19.77 16.58 33.54
C PHE F 165 -19.35 18.06 33.49
N LEU F 166 -20.02 18.91 34.26
CA LEU F 166 -19.68 20.33 34.26
C LEU F 166 -18.33 20.51 34.95
N ASP F 167 -18.04 19.68 35.93
CA ASP F 167 -16.77 19.75 36.64
C ASP F 167 -15.63 19.53 35.65
N GLU F 168 -15.74 18.50 34.82
CA GLU F 168 -14.70 18.20 33.84
C GLU F 168 -14.73 19.17 32.65
N LEU F 169 -15.92 19.43 32.12
CA LEU F 169 -16.04 20.34 30.98
C LEU F 169 -15.29 21.63 31.31
N ARG F 170 -15.50 22.15 32.51
CA ARG F 170 -14.81 23.36 32.93
C ARG F 170 -13.31 23.11 33.04
N ARG F 171 -12.92 22.00 33.66
CA ARG F 171 -11.51 21.67 33.79
C ARG F 171 -10.86 21.78 32.41
N ASN F 172 -11.55 21.27 31.39
CA ASN F 172 -11.07 21.32 30.01
C ASN F 172 -11.25 22.73 29.44
N GLU F 173 -11.99 23.56 30.17
CA GLU F 173 -12.28 24.92 29.74
C GLU F 173 -13.25 24.85 28.56
N GLN F 174 -14.21 23.94 28.68
CA GLN F 174 -15.22 23.72 27.66
C GLN F 174 -16.61 24.06 28.20
N ASP F 175 -16.68 24.55 29.44
CA ASP F 175 -17.96 24.87 30.04
C ASP F 175 -18.74 25.92 29.26
N ARG F 176 -18.04 26.84 28.61
CA ARG F 176 -18.72 27.87 27.82
C ARG F 176 -19.18 27.27 26.48
N LEU F 177 -18.44 26.31 25.95
CA LEU F 177 -18.80 25.68 24.67
C LEU F 177 -20.13 24.96 24.75
N LEU F 178 -20.49 24.50 25.95
CA LEU F 178 -21.76 23.81 26.12
C LEU F 178 -22.92 24.75 26.44
N VAL F 179 -22.71 25.64 27.39
CA VAL F 179 -23.77 26.56 27.80
C VAL F 179 -24.03 27.70 26.82
N GLU F 180 -22.98 28.18 26.16
CA GLU F 180 -23.15 29.27 25.22
C GLU F 180 -23.28 28.90 23.75
N LEU F 181 -22.56 27.87 23.30
CA LEU F 181 -22.63 27.50 21.89
C LEU F 181 -23.48 26.28 21.53
N GLU F 182 -23.01 25.09 21.87
CA GLU F 182 -23.76 23.89 21.50
C GLU F 182 -25.21 23.84 21.99
N GLN F 183 -25.48 24.22 23.24
CA GLN F 183 -26.86 24.15 23.71
C GLN F 183 -27.75 25.16 22.99
N PRO F 184 -27.31 26.42 22.89
CA PRO F 184 -28.16 27.37 22.17
C PRO F 184 -28.32 26.92 20.71
N LEU F 185 -27.22 26.43 20.12
CA LEU F 185 -27.27 25.95 18.74
C LEU F 185 -28.27 24.83 18.62
N SER F 186 -28.43 24.05 19.69
CA SER F 186 -29.40 22.96 19.69
C SER F 186 -30.80 23.53 19.43
N SER F 187 -31.21 24.52 20.23
CA SER F 187 -32.53 25.12 20.08
C SER F 187 -32.66 25.67 18.65
N ILE F 188 -31.58 26.23 18.14
CA ILE F 188 -31.58 26.76 16.79
C ILE F 188 -31.74 25.62 15.77
N LEU F 189 -31.05 24.51 15.99
CA LEU F 189 -31.16 23.38 15.06
C LEU F 189 -32.57 22.81 15.09
N ALA F 190 -33.21 22.90 16.24
CA ALA F 190 -34.56 22.38 16.41
C ALA F 190 -35.58 23.23 15.68
N GLU F 191 -35.32 24.54 15.64
CA GLU F 191 -36.22 25.45 14.94
C GLU F 191 -36.12 25.17 13.44
N MET F 192 -34.89 24.98 12.95
CA MET F 192 -34.68 24.70 11.53
C MET F 192 -35.26 23.36 11.07
N GLU F 193 -34.99 22.31 11.84
CA GLU F 193 -35.49 20.98 11.49
C GLU F 193 -37.01 20.99 11.47
N PHE F 194 -37.62 21.80 12.33
CA PHE F 194 -39.08 21.87 12.38
C PHE F 194 -39.62 22.63 11.17
N ALA F 195 -39.11 23.83 10.95
CA ALA F 195 -39.53 24.65 9.82
C ALA F 195 -39.61 23.80 8.56
N GLY F 196 -38.48 23.17 8.23
CA GLY F 196 -38.41 22.32 7.07
C GLY F 196 -38.18 23.10 5.78
N VAL F 197 -38.10 22.38 4.68
CA VAL F 197 -37.90 22.99 3.37
C VAL F 197 -39.00 22.51 2.45
N LYS F 198 -39.77 23.45 1.91
CA LYS F 198 -40.84 23.12 0.99
C LYS F 198 -40.19 22.69 -0.32
N VAL F 199 -40.65 21.57 -0.85
CA VAL F 199 -40.09 21.07 -2.11
C VAL F 199 -41.17 21.19 -3.17
N ASP F 200 -40.81 20.84 -4.40
CA ASP F 200 -41.73 20.88 -5.53
C ASP F 200 -41.73 19.48 -6.12
N THR F 201 -42.60 18.62 -5.58
CA THR F 201 -42.67 17.23 -6.04
C THR F 201 -42.89 17.12 -7.54
N LYS F 202 -43.90 17.81 -8.06
CA LYS F 202 -44.22 17.77 -9.49
C LYS F 202 -42.98 17.96 -10.36
N ARG F 203 -42.09 18.84 -9.93
CA ARG F 203 -40.86 19.09 -10.68
C ARG F 203 -39.90 17.92 -10.56
N LEU F 204 -39.92 17.26 -9.40
CA LEU F 204 -39.05 16.11 -9.17
C LEU F 204 -39.49 14.90 -9.98
N GLU F 205 -40.79 14.74 -10.15
CA GLU F 205 -41.35 13.63 -10.91
C GLU F 205 -41.02 13.86 -12.39
N GLN F 206 -41.05 15.13 -12.78
CA GLN F 206 -40.73 15.53 -14.14
C GLN F 206 -39.35 14.97 -14.48
N MET F 207 -38.34 15.52 -13.81
CA MET F 207 -36.97 15.08 -14.02
C MET F 207 -36.89 13.58 -13.78
N GLY F 208 -37.81 13.06 -12.98
CA GLY F 208 -37.85 11.65 -12.68
C GLY F 208 -38.07 10.76 -13.89
N LYS F 209 -39.23 10.91 -14.53
CA LYS F 209 -39.56 10.11 -15.70
C LYS F 209 -38.57 10.32 -16.84
N GLU F 210 -37.94 11.49 -16.87
CA GLU F 210 -36.96 11.79 -17.90
C GLU F 210 -35.71 10.95 -17.69
N LEU F 211 -35.22 10.91 -16.44
CA LEU F 211 -34.04 10.12 -16.12
C LEU F 211 -34.37 8.63 -16.15
N ALA F 212 -35.66 8.31 -16.25
CA ALA F 212 -36.13 6.93 -16.28
C ALA F 212 -36.02 6.31 -17.67
N GLU F 213 -36.74 6.89 -18.63
CA GLU F 213 -36.75 6.42 -20.01
C GLU F 213 -35.38 6.52 -20.67
N GLN F 214 -34.44 7.13 -19.96
CA GLN F 214 -33.08 7.30 -20.46
C GLN F 214 -32.14 6.22 -19.91
N LEU F 215 -32.21 5.99 -18.60
CA LEU F 215 -31.36 4.99 -17.95
C LEU F 215 -31.53 3.58 -18.55
N GLY F 216 -32.57 3.39 -19.34
CA GLY F 216 -32.79 2.10 -19.97
C GLY F 216 -32.16 2.10 -21.35
N THR F 217 -32.09 3.29 -21.93
CA THR F 217 -31.49 3.47 -23.25
C THR F 217 -29.98 3.44 -23.15
N VAL F 218 -29.45 3.93 -22.03
CA VAL F 218 -28.01 3.95 -21.81
C VAL F 218 -27.50 2.58 -21.41
N GLU F 219 -28.34 1.81 -20.72
CA GLU F 219 -27.96 0.47 -20.30
C GLU F 219 -27.95 -0.45 -21.52
N GLN F 220 -28.36 0.09 -22.66
CA GLN F 220 -28.39 -0.66 -23.90
C GLN F 220 -27.04 -0.53 -24.60
N ARG F 221 -26.49 0.68 -24.59
CA ARG F 221 -25.20 0.94 -25.20
C ARG F 221 -24.08 0.39 -24.32
N ILE F 222 -24.46 -0.10 -23.14
CA ILE F 222 -23.49 -0.67 -22.19
C ILE F 222 -23.37 -2.17 -22.40
N TYR F 223 -24.52 -2.84 -22.53
CA TYR F 223 -24.54 -4.29 -22.72
C TYR F 223 -24.13 -4.75 -24.12
N GLU F 224 -24.38 -3.91 -25.12
CA GLU F 224 -24.02 -4.27 -26.48
C GLU F 224 -22.50 -4.18 -26.65
N LEU F 225 -21.91 -3.08 -26.16
CA LEU F 225 -20.47 -2.86 -26.24
C LEU F 225 -19.69 -3.84 -25.37
N ALA F 226 -20.41 -4.66 -24.61
CA ALA F 226 -19.78 -5.64 -23.73
C ALA F 226 -20.19 -7.05 -24.13
N GLY F 227 -21.36 -7.17 -24.75
CA GLY F 227 -21.85 -8.47 -25.19
C GLY F 227 -22.88 -9.09 -24.26
N GLN F 228 -22.61 -9.05 -22.96
CA GLN F 228 -23.50 -9.64 -21.97
C GLN F 228 -24.43 -8.58 -21.38
N GLU F 229 -25.35 -9.03 -20.53
CA GLU F 229 -26.31 -8.15 -19.86
C GLU F 229 -25.96 -8.10 -18.38
N PHE F 230 -24.71 -8.44 -18.06
CA PHE F 230 -24.21 -8.48 -16.69
C PHE F 230 -24.68 -7.32 -15.82
N ASN F 231 -24.48 -7.44 -14.52
CA ASN F 231 -24.89 -6.40 -13.58
C ASN F 231 -23.83 -5.30 -13.50
N ILE F 232 -24.16 -4.14 -14.07
CA ILE F 232 -23.25 -3.00 -14.06
C ILE F 232 -23.37 -2.27 -12.72
N ASN F 233 -24.38 -2.65 -11.95
CA ASN F 233 -24.61 -2.04 -10.64
C ASN F 233 -23.71 -2.70 -9.60
N SER F 234 -22.69 -3.42 -10.07
CA SER F 234 -21.75 -4.07 -9.17
C SER F 234 -20.32 -3.79 -9.59
N PRO F 235 -19.56 -3.05 -8.76
CA PRO F 235 -18.16 -2.70 -9.04
C PRO F 235 -17.23 -3.91 -9.01
N LYS F 236 -17.72 -5.05 -9.49
CA LYS F 236 -16.93 -6.28 -9.54
C LYS F 236 -17.12 -7.03 -10.85
N GLN F 237 -18.38 -7.14 -11.27
CA GLN F 237 -18.73 -7.84 -12.51
C GLN F 237 -18.22 -7.18 -13.78
N LEU F 238 -18.55 -5.90 -13.96
CA LEU F 238 -18.11 -5.19 -15.15
C LEU F 238 -16.58 -5.15 -15.21
N GLY F 239 -15.94 -5.57 -14.12
CA GLY F 239 -14.49 -5.60 -14.08
C GLY F 239 -13.97 -6.77 -14.87
N VAL F 240 -14.78 -7.82 -14.97
CA VAL F 240 -14.43 -9.01 -15.73
C VAL F 240 -14.79 -8.76 -17.19
N ILE F 241 -15.65 -7.77 -17.41
CA ILE F 241 -16.07 -7.39 -18.76
C ILE F 241 -15.16 -6.27 -19.25
N LEU F 242 -14.48 -5.62 -18.31
CA LEU F 242 -13.57 -4.52 -18.64
C LEU F 242 -12.11 -4.95 -18.57
N PHE F 243 -11.68 -5.33 -17.37
CA PHE F 243 -10.30 -5.77 -17.15
C PHE F 243 -10.15 -7.27 -17.39
N GLU F 244 -10.68 -7.75 -18.51
CA GLU F 244 -10.59 -9.18 -18.85
C GLU F 244 -11.17 -9.45 -20.24
N LYS F 245 -12.46 -9.19 -20.43
CA LYS F 245 -13.10 -9.41 -21.72
C LYS F 245 -12.66 -8.39 -22.76
N LEU F 246 -12.73 -7.10 -22.39
CA LEU F 246 -12.32 -6.04 -23.30
C LEU F 246 -10.79 -5.98 -23.43
N GLN F 247 -10.10 -6.77 -22.62
CA GLN F 247 -8.64 -6.80 -22.64
C GLN F 247 -8.12 -5.39 -22.35
N LEU F 248 -8.94 -4.59 -21.67
CA LEU F 248 -8.59 -3.21 -21.34
C LEU F 248 -7.66 -3.05 -20.15
N PRO F 249 -6.78 -2.03 -20.21
CA PRO F 249 -5.77 -1.68 -19.19
C PRO F 249 -6.24 -1.54 -17.74
N VAL F 250 -5.49 -2.14 -16.84
CA VAL F 250 -5.76 -2.08 -15.40
C VAL F 250 -4.76 -1.09 -14.80
N LEU F 251 -5.23 0.11 -14.48
CA LEU F 251 -4.35 1.14 -13.91
C LEU F 251 -4.35 1.21 -12.40
N LYS F 252 -5.15 0.37 -11.76
CA LYS F 252 -5.21 0.36 -10.30
C LYS F 252 -6.16 -0.74 -9.83
N LYS F 253 -5.89 -1.27 -8.64
CA LYS F 253 -6.72 -2.32 -8.08
C LYS F 253 -7.00 -2.05 -6.61
N THR F 254 -7.91 -2.82 -6.04
CA THR F 254 -8.27 -2.67 -4.63
C THR F 254 -7.90 -3.93 -3.85
N LYS F 255 -8.54 -4.13 -2.70
CA LYS F 255 -8.26 -5.29 -1.87
C LYS F 255 -9.06 -6.52 -2.30
N THR F 256 -10.21 -6.30 -2.95
CA THR F 256 -11.05 -7.40 -3.39
C THR F 256 -11.11 -7.55 -4.91
N GLY F 257 -10.97 -6.44 -5.63
CA GLY F 257 -11.00 -6.50 -7.08
C GLY F 257 -10.28 -5.32 -7.72
N TYR F 258 -10.56 -5.07 -8.99
CA TYR F 258 -9.94 -3.97 -9.71
C TYR F 258 -10.49 -2.64 -9.25
N SER F 259 -9.97 -1.56 -9.82
CA SER F 259 -10.43 -0.22 -9.46
C SER F 259 -11.38 0.35 -10.50
N THR F 260 -12.63 -0.08 -10.45
CA THR F 260 -13.64 0.40 -11.40
C THR F 260 -14.15 1.77 -10.95
N SER F 261 -13.22 2.59 -10.45
CA SER F 261 -13.53 3.93 -9.99
C SER F 261 -13.54 4.89 -11.18
N ALA F 262 -14.39 5.90 -11.12
CA ALA F 262 -14.48 6.88 -12.21
C ALA F 262 -13.15 7.58 -12.42
N ASP F 263 -12.42 7.84 -11.32
CA ASP F 263 -11.14 8.52 -11.42
C ASP F 263 -10.26 7.68 -12.33
N VAL F 264 -10.56 6.39 -12.38
CA VAL F 264 -9.85 5.43 -13.20
C VAL F 264 -10.55 5.24 -14.54
N LEU F 265 -11.88 5.33 -14.53
CA LEU F 265 -12.67 5.15 -15.75
C LEU F 265 -12.69 6.35 -16.68
N GLU F 266 -12.02 7.43 -16.31
CA GLU F 266 -11.96 8.59 -17.17
C GLU F 266 -10.60 8.61 -17.84
N LYS F 267 -9.63 7.98 -17.18
CA LYS F 267 -8.27 7.87 -17.70
C LYS F 267 -8.23 6.55 -18.48
N LEU F 268 -9.24 5.72 -18.22
CA LEU F 268 -9.38 4.42 -18.86
C LEU F 268 -10.18 4.61 -20.14
N ALA F 269 -11.03 5.65 -20.15
CA ALA F 269 -11.88 5.97 -21.29
C ALA F 269 -11.15 6.19 -22.61
N PRO F 270 -9.93 6.77 -22.57
CA PRO F 270 -9.19 7.00 -23.83
C PRO F 270 -8.81 5.74 -24.60
N TYR F 271 -9.30 4.58 -24.15
CA TYR F 271 -8.99 3.31 -24.81
C TYR F 271 -10.22 2.71 -25.48
N HIS F 272 -11.38 2.92 -24.87
CA HIS F 272 -12.63 2.39 -25.39
C HIS F 272 -13.71 3.46 -25.36
N GLU F 273 -14.92 3.10 -25.78
CA GLU F 273 -16.03 4.04 -25.80
C GLU F 273 -17.09 3.65 -24.77
N ILE F 274 -17.15 2.35 -24.45
CA ILE F 274 -18.12 1.84 -23.49
C ILE F 274 -17.90 2.51 -22.14
N VAL F 275 -16.72 3.08 -21.97
CA VAL F 275 -16.38 3.76 -20.73
C VAL F 275 -17.36 4.91 -20.50
N GLU F 276 -17.74 5.58 -21.58
CA GLU F 276 -18.68 6.69 -21.52
C GLU F 276 -20.10 6.22 -21.18
N ASN F 277 -20.38 4.95 -21.46
CA ASN F 277 -21.71 4.40 -21.17
C ASN F 277 -21.77 3.87 -19.74
N ILE F 278 -20.62 3.64 -19.14
CA ILE F 278 -20.56 3.15 -17.78
C ILE F 278 -20.70 4.33 -16.84
N LEU F 279 -19.92 5.38 -17.09
CA LEU F 279 -19.99 6.56 -16.25
C LEU F 279 -21.34 7.25 -16.46
N HIS F 280 -21.91 7.10 -17.65
CA HIS F 280 -23.20 7.70 -17.97
C HIS F 280 -24.28 7.03 -17.15
N TYR F 281 -24.14 5.73 -16.96
CA TYR F 281 -25.12 4.97 -16.20
C TYR F 281 -25.09 5.31 -14.71
N ARG F 282 -23.89 5.46 -14.18
CA ARG F 282 -23.69 5.78 -12.77
C ARG F 282 -24.09 7.22 -12.46
N GLN F 283 -23.97 8.09 -13.46
CA GLN F 283 -24.32 9.50 -13.32
C GLN F 283 -25.82 9.66 -13.25
N LEU F 284 -26.50 9.09 -14.24
CA LEU F 284 -27.95 9.14 -14.33
C LEU F 284 -28.58 8.32 -13.20
N GLY F 285 -28.02 7.13 -12.99
CA GLY F 285 -28.54 6.25 -11.96
C GLY F 285 -28.44 6.80 -10.54
N LYS F 286 -27.48 7.68 -10.29
CA LYS F 286 -27.33 8.23 -8.96
C LYS F 286 -28.32 9.36 -8.73
N LEU F 287 -28.75 10.01 -9.80
CA LEU F 287 -29.71 11.09 -9.68
C LEU F 287 -31.10 10.58 -9.36
N GLN F 288 -31.49 9.50 -10.00
CA GLN F 288 -32.80 8.92 -9.78
C GLN F 288 -32.83 8.30 -8.37
N SER F 289 -32.67 6.99 -8.32
CA SER F 289 -32.67 6.22 -7.08
C SER F 289 -32.38 7.03 -5.82
N THR F 290 -31.21 7.67 -5.78
CA THR F 290 -30.80 8.45 -4.62
C THR F 290 -31.53 9.77 -4.35
N TYR F 291 -31.22 10.82 -5.11
CA TYR F 291 -31.85 12.11 -4.88
C TYR F 291 -33.30 12.26 -5.31
N ILE F 292 -33.65 11.85 -6.52
CA ILE F 292 -35.05 11.97 -6.96
C ILE F 292 -35.98 11.06 -6.19
N GLU F 293 -35.85 9.76 -6.44
CA GLU F 293 -36.67 8.74 -5.81
C GLU F 293 -36.63 8.82 -4.28
N GLY F 294 -35.46 9.15 -3.74
CA GLY F 294 -35.33 9.26 -2.30
C GLY F 294 -36.09 10.44 -1.74
N LEU F 295 -35.88 11.62 -2.31
CA LEU F 295 -36.54 12.84 -1.87
C LEU F 295 -38.05 12.74 -1.96
N LEU F 296 -38.54 12.07 -2.99
CA LEU F 296 -39.98 11.90 -3.17
C LEU F 296 -40.58 11.03 -2.08
N LYS F 297 -39.78 10.12 -1.54
CA LYS F 297 -40.28 9.23 -0.50
C LYS F 297 -40.25 9.84 0.90
N VAL F 298 -39.33 10.76 1.15
CA VAL F 298 -39.21 11.39 2.46
C VAL F 298 -39.92 12.75 2.63
N VAL F 299 -40.69 13.17 1.62
CA VAL F 299 -41.40 14.44 1.70
C VAL F 299 -42.77 14.21 2.34
N ARG F 300 -43.31 15.24 2.97
CA ARG F 300 -44.61 15.12 3.60
C ARG F 300 -45.74 15.58 2.67
N PRO F 301 -46.61 14.65 2.25
CA PRO F 301 -47.76 14.90 1.36
C PRO F 301 -48.88 15.68 2.03
N ASP F 302 -48.50 16.52 2.98
CA ASP F 302 -49.44 17.34 3.72
C ASP F 302 -49.00 18.78 3.65
N THR F 303 -47.84 19.00 3.06
CA THR F 303 -47.27 20.34 2.92
C THR F 303 -46.16 20.35 1.88
N LYS F 304 -45.81 19.17 1.38
CA LYS F 304 -44.75 19.03 0.39
C LYS F 304 -43.41 19.42 0.99
N LYS F 305 -43.28 19.36 2.31
CA LYS F 305 -42.02 19.72 2.94
C LYS F 305 -41.19 18.53 3.39
N VAL F 306 -39.86 18.71 3.34
CA VAL F 306 -38.93 17.68 3.76
C VAL F 306 -38.32 18.13 5.09
N HIS F 307 -38.32 17.24 6.08
CA HIS F 307 -37.75 17.57 7.38
C HIS F 307 -36.53 16.68 7.68
N THR F 308 -35.35 17.27 7.56
CA THR F 308 -34.09 16.55 7.81
C THR F 308 -33.76 16.56 9.29
N ILE F 309 -32.55 16.11 9.62
CA ILE F 309 -32.07 16.11 10.99
C ILE F 309 -30.57 16.37 10.95
N PHE F 310 -30.12 17.35 11.72
CA PHE F 310 -28.70 17.68 11.78
C PHE F 310 -28.10 17.11 13.04
N ASN F 311 -27.29 16.08 12.87
CA ASN F 311 -26.66 15.41 14.00
C ASN F 311 -25.52 16.23 14.58
N GLN F 312 -25.81 16.86 15.70
CA GLN F 312 -24.86 17.71 16.41
C GLN F 312 -23.97 16.90 17.35
N ALA F 313 -24.31 15.62 17.56
CA ALA F 313 -23.49 14.79 18.45
C ALA F 313 -22.96 13.56 17.72
N LEU F 314 -22.23 13.77 16.62
CA LEU F 314 -21.73 12.63 15.87
C LEU F 314 -20.35 12.75 15.23
N THR F 315 -20.09 13.85 14.51
CA THR F 315 -18.81 13.98 13.84
C THR F 315 -17.70 14.13 14.85
N GLN F 316 -16.54 13.60 14.48
CA GLN F 316 -15.37 13.63 15.35
C GLN F 316 -14.64 14.96 15.31
N THR F 317 -15.05 15.85 14.42
CA THR F 317 -14.40 17.15 14.27
C THR F 317 -15.19 18.33 14.85
N GLY F 318 -16.49 18.14 15.00
CA GLY F 318 -17.32 19.20 15.54
C GLY F 318 -18.24 19.74 14.46
N ARG F 319 -18.33 18.97 13.38
CA ARG F 319 -19.18 19.30 12.25
C ARG F 319 -20.55 18.69 12.52
N LEU F 320 -21.51 19.01 11.66
CA LEU F 320 -22.84 18.42 11.78
C LEU F 320 -22.92 17.41 10.65
N SER F 321 -24.00 16.63 10.63
CA SER F 321 -24.27 15.69 9.56
C SER F 321 -25.77 15.87 9.34
N SER F 322 -26.22 15.62 8.11
CA SER F 322 -27.62 15.79 7.77
C SER F 322 -28.22 14.44 7.40
N THR F 323 -29.34 14.06 8.01
CA THR F 323 -29.92 12.78 7.71
C THR F 323 -31.41 12.79 7.40
N GLU F 324 -31.83 11.72 6.71
CA GLU F 324 -33.20 11.44 6.27
C GLU F 324 -34.18 12.60 6.22
N PRO F 325 -34.17 13.38 5.11
CA PRO F 325 -33.25 13.10 4.00
C PRO F 325 -31.96 13.88 4.24
N ASN F 326 -30.90 13.52 3.56
CA ASN F 326 -29.67 14.24 3.73
C ASN F 326 -29.71 15.43 2.77
N LEU F 327 -29.81 16.64 3.32
CA LEU F 327 -29.87 17.83 2.48
C LEU F 327 -28.54 18.56 2.39
N GLN F 328 -27.45 17.89 2.77
CA GLN F 328 -26.12 18.49 2.72
C GLN F 328 -25.22 17.99 1.60
N ASN F 329 -25.71 17.12 0.74
CA ASN F 329 -24.87 16.66 -0.36
C ASN F 329 -25.63 16.58 -1.70
N ILE F 330 -26.57 17.49 -1.88
CA ILE F 330 -27.37 17.57 -3.11
C ILE F 330 -26.43 18.02 -4.23
N PRO F 331 -26.57 17.39 -5.43
CA PRO F 331 -25.69 17.76 -6.54
C PRO F 331 -25.53 19.24 -6.78
N ILE F 332 -24.37 19.62 -7.30
CA ILE F 332 -24.05 21.00 -7.59
C ILE F 332 -23.11 21.02 -8.79
N ARG F 333 -22.04 20.20 -8.66
CA ARG F 333 -21.00 20.07 -9.68
C ARG F 333 -21.48 19.95 -11.12
N LEU F 334 -22.40 19.04 -11.37
CA LEU F 334 -22.93 18.84 -12.73
C LEU F 334 -24.29 19.51 -12.87
N GLU F 335 -24.37 20.49 -13.76
CA GLU F 335 -25.62 21.23 -13.99
C GLU F 335 -26.76 20.30 -14.34
N GLU F 336 -26.44 19.04 -14.61
CA GLU F 336 -27.46 18.06 -14.93
C GLU F 336 -28.12 17.63 -13.62
N GLY F 337 -27.28 17.24 -12.66
CA GLY F 337 -27.79 16.83 -11.36
C GLY F 337 -28.05 18.04 -10.48
N ARG F 338 -27.39 19.15 -10.82
CA ARG F 338 -27.55 20.37 -10.06
C ARG F 338 -28.98 20.88 -10.23
N LYS F 339 -29.61 20.51 -11.35
CA LYS F 339 -30.98 20.92 -11.63
C LYS F 339 -31.97 20.47 -10.57
N ILE F 340 -31.52 19.58 -9.67
CA ILE F 340 -32.40 19.10 -8.60
C ILE F 340 -32.74 20.23 -7.65
N ARG F 341 -31.77 21.13 -7.41
CA ARG F 341 -31.95 22.24 -6.50
C ARG F 341 -33.10 23.18 -6.87
N GLN F 342 -33.94 22.78 -7.81
CA GLN F 342 -35.06 23.62 -8.21
C GLN F 342 -36.35 23.25 -7.51
N ALA F 343 -36.45 21.99 -7.07
CA ALA F 343 -37.63 21.53 -6.37
C ALA F 343 -37.71 22.18 -4.99
N PHE F 344 -36.57 22.65 -4.50
CA PHE F 344 -36.53 23.28 -3.18
C PHE F 344 -36.93 24.74 -3.35
N VAL F 345 -38.20 25.00 -3.07
CA VAL F 345 -38.76 26.34 -3.19
C VAL F 345 -39.18 26.91 -1.84
N PRO F 346 -39.30 28.24 -1.75
CA PRO F 346 -39.70 28.91 -0.50
C PRO F 346 -41.04 28.35 -0.03
N SER F 347 -41.27 28.36 1.28
CA SER F 347 -42.52 27.81 1.82
C SER F 347 -43.75 28.70 1.67
N GLU F 348 -43.64 29.76 0.87
CA GLU F 348 -44.78 30.64 0.63
C GLU F 348 -44.46 31.82 -0.29
N SER F 349 -45.51 32.33 -0.92
CA SER F 349 -45.44 33.43 -1.87
C SER F 349 -44.69 34.68 -1.43
N ASP F 350 -43.98 35.29 -2.40
CA ASP F 350 -43.22 36.52 -2.18
C ASP F 350 -42.01 36.31 -1.29
N TRP F 351 -41.68 35.04 -1.05
CA TRP F 351 -40.52 34.72 -0.23
C TRP F 351 -39.40 34.25 -1.14
N LEU F 352 -38.17 34.49 -0.73
CA LEU F 352 -37.01 34.09 -1.53
C LEU F 352 -36.04 33.24 -0.72
N ILE F 353 -35.14 32.58 -1.43
CA ILE F 353 -34.13 31.75 -0.80
C ILE F 353 -32.83 32.53 -0.86
N PHE F 354 -32.10 32.53 0.27
CA PHE F 354 -30.84 33.25 0.41
C PHE F 354 -29.74 32.32 0.88
N ALA F 355 -28.56 32.43 0.27
CA ALA F 355 -27.41 31.61 0.62
C ALA F 355 -26.14 32.41 0.85
N ALA F 356 -25.39 32.05 1.89
CA ALA F 356 -24.14 32.71 2.21
C ALA F 356 -23.09 31.63 2.31
N ASP F 357 -21.88 31.96 1.87
CA ASP F 357 -20.80 30.98 1.84
C ASP F 357 -19.49 31.59 2.31
N TYR F 358 -18.80 30.94 3.23
CA TYR F 358 -17.50 31.45 3.66
C TYR F 358 -16.57 31.00 2.53
N SER F 359 -15.71 31.90 2.06
CA SER F 359 -14.82 31.50 0.97
C SER F 359 -13.45 31.08 1.50
N GLN F 360 -12.89 30.03 0.91
CA GLN F 360 -11.58 29.54 1.31
C GLN F 360 -11.55 29.43 2.83
N ILE F 361 -12.69 29.04 3.40
CA ILE F 361 -12.81 28.96 4.85
C ILE F 361 -11.69 28.29 5.63
N GLU F 362 -11.30 27.07 5.26
CA GLU F 362 -10.23 26.42 6.03
C GLU F 362 -8.82 26.90 5.67
N LEU F 363 -8.70 27.68 4.61
CA LEU F 363 -7.38 28.22 4.26
C LEU F 363 -7.15 29.45 5.13
N ARG F 364 -8.21 30.23 5.37
CA ARG F 364 -8.11 31.43 6.22
C ARG F 364 -7.86 30.96 7.68
N VAL F 365 -8.61 29.95 8.09
CA VAL F 365 -8.41 29.42 9.44
C VAL F 365 -6.98 28.91 9.52
N LEU F 366 -6.52 28.15 8.53
CA LEU F 366 -5.16 27.65 8.58
C LEU F 366 -4.13 28.75 8.68
N ALA F 367 -4.30 29.83 7.89
CA ALA F 367 -3.36 30.95 7.91
C ALA F 367 -3.30 31.54 9.30
N HIS F 368 -4.47 31.64 9.90
CA HIS F 368 -4.56 32.13 11.25
C HIS F 368 -3.89 31.11 12.19
N ILE F 369 -4.34 29.86 12.12
CA ILE F 369 -3.81 28.82 13.03
C ILE F 369 -2.31 28.53 12.89
N ALA F 370 -1.81 28.48 11.67
CA ALA F 370 -0.39 28.24 11.40
C ALA F 370 0.42 29.52 11.40
N GLU F 371 -0.24 30.67 11.38
CA GLU F 371 0.44 31.96 11.33
C GLU F 371 1.45 31.96 10.17
N ASP F 372 1.00 31.43 9.03
CA ASP F 372 1.83 31.37 7.82
C ASP F 372 1.79 32.77 7.20
N ASP F 373 2.83 33.56 7.50
CA ASP F 373 2.94 34.94 7.02
C ASP F 373 2.65 35.12 5.54
N ASN F 374 3.18 34.20 4.72
CA ASN F 374 2.98 34.25 3.29
C ASN F 374 1.50 34.07 2.95
N LEU F 375 0.88 33.09 3.59
CA LEU F 375 -0.52 32.79 3.36
C LEU F 375 -1.42 33.85 4.00
N MET F 376 -0.96 34.45 5.10
CA MET F 376 -1.76 35.47 5.75
C MET F 376 -1.87 36.66 4.80
N GLU F 377 -0.96 36.74 3.83
CA GLU F 377 -0.98 37.83 2.84
C GLU F 377 -1.97 37.51 1.75
N ALA F 378 -1.93 36.27 1.27
CA ALA F 378 -2.84 35.84 0.22
C ALA F 378 -4.29 36.21 0.60
N PHE F 379 -4.58 36.22 1.89
CA PHE F 379 -5.93 36.57 2.32
C PHE F 379 -6.11 38.03 2.69
N ARG F 380 -5.03 38.72 3.00
CA ARG F 380 -5.14 40.13 3.31
C ARG F 380 -5.34 40.86 1.97
N ARG F 381 -4.59 40.41 0.96
CA ARG F 381 -4.70 40.99 -0.37
C ARG F 381 -6.00 40.48 -1.01
N ASP F 382 -6.80 39.80 -0.21
CA ASP F 382 -8.08 39.25 -0.65
C ASP F 382 -7.93 38.35 -1.87
N LEU F 383 -6.72 37.80 -2.03
CA LEU F 383 -6.43 36.92 -3.14
C LEU F 383 -7.23 35.62 -2.99
N ASP F 384 -7.40 34.89 -4.08
CA ASP F 384 -8.11 33.62 -4.05
C ASP F 384 -7.07 32.53 -4.27
N ILE F 385 -6.77 31.79 -3.20
CA ILE F 385 -5.76 30.74 -3.27
C ILE F 385 -6.15 29.52 -4.10
N HIS F 386 -7.45 29.24 -4.21
CA HIS F 386 -7.84 28.07 -5.00
C HIS F 386 -7.70 28.36 -6.49
N THR F 387 -8.11 29.56 -6.91
CA THR F 387 -7.99 29.92 -8.31
C THR F 387 -6.51 29.99 -8.68
N LYS F 388 -5.71 30.50 -7.76
CA LYS F 388 -4.27 30.60 -8.00
C LYS F 388 -3.70 29.22 -8.26
N THR F 389 -4.25 28.21 -7.58
CA THR F 389 -3.81 26.84 -7.76
C THR F 389 -4.33 26.29 -9.10
N ALA F 390 -5.60 26.53 -9.41
CA ALA F 390 -6.17 26.08 -10.67
C ALA F 390 -5.32 26.63 -11.84
N MET F 391 -4.90 27.88 -11.74
CA MET F 391 -4.08 28.49 -12.78
C MET F 391 -2.75 27.75 -12.97
N ASP F 392 -2.05 27.54 -11.87
CA ASP F 392 -0.75 26.86 -11.87
C ASP F 392 -0.83 25.43 -12.37
N ILE F 393 -1.91 24.74 -12.01
CA ILE F 393 -2.12 23.34 -12.37
C ILE F 393 -2.48 23.11 -13.83
N PHE F 394 -3.34 23.97 -14.38
CA PHE F 394 -3.79 23.83 -15.76
C PHE F 394 -3.10 24.76 -16.75
N GLN F 395 -2.08 25.50 -16.30
CA GLN F 395 -1.40 26.43 -17.20
C GLN F 395 -2.49 27.17 -17.98
N VAL F 396 -3.19 28.06 -17.28
CA VAL F 396 -4.26 28.82 -17.88
C VAL F 396 -4.34 30.20 -17.26
N SER F 397 -4.92 31.14 -17.98
CA SER F 397 -5.09 32.49 -17.48
C SER F 397 -6.21 32.42 -16.44
N GLU F 398 -6.39 33.50 -15.69
CA GLU F 398 -7.45 33.52 -14.68
C GLU F 398 -8.84 33.47 -15.33
N ASP F 399 -8.98 34.14 -16.48
CA ASP F 399 -10.26 34.20 -17.21
C ASP F 399 -10.77 32.88 -17.81
N GLU F 400 -9.85 32.02 -18.25
CA GLU F 400 -10.24 30.75 -18.86
C GLU F 400 -10.56 29.68 -17.82
N VAL F 401 -10.21 29.93 -16.55
CA VAL F 401 -10.46 28.98 -15.48
C VAL F 401 -11.91 28.48 -15.45
N THR F 402 -12.10 27.26 -15.94
CA THR F 402 -13.39 26.60 -15.96
C THR F 402 -13.92 26.47 -14.54
N PRO F 403 -15.22 26.22 -14.36
CA PRO F 403 -15.73 26.08 -12.99
C PRO F 403 -15.14 24.81 -12.36
N ASN F 404 -14.87 23.82 -13.21
CA ASN F 404 -14.31 22.55 -12.77
C ASN F 404 -12.86 22.73 -12.37
N MET F 405 -12.16 23.63 -13.06
CA MET F 405 -10.76 23.91 -12.76
C MET F 405 -10.61 24.37 -11.31
N ARG F 406 -11.44 25.32 -10.90
CA ARG F 406 -11.37 25.83 -9.53
C ARG F 406 -11.73 24.73 -8.55
N ARG F 407 -12.85 24.06 -8.78
CA ARG F 407 -13.25 22.98 -7.90
C ARG F 407 -12.16 21.92 -7.79
N GLN F 408 -11.53 21.60 -8.93
CA GLN F 408 -10.49 20.59 -8.94
C GLN F 408 -9.24 21.12 -8.25
N ALA F 409 -9.15 22.44 -8.13
CA ALA F 409 -8.01 23.05 -7.46
C ALA F 409 -8.27 22.99 -5.95
N LYS F 410 -9.54 23.05 -5.57
CA LYS F 410 -9.96 23.03 -4.18
C LYS F 410 -9.48 21.75 -3.48
N ALA F 411 -9.73 20.61 -4.11
CA ALA F 411 -9.31 19.33 -3.55
C ALA F 411 -7.79 19.25 -3.50
N VAL F 412 -7.11 19.97 -4.39
CA VAL F 412 -5.66 19.94 -4.42
C VAL F 412 -5.03 20.73 -3.28
N ASN F 413 -5.63 21.85 -2.91
CA ASN F 413 -5.09 22.67 -1.84
C ASN F 413 -5.23 22.04 -0.45
N PHE F 414 -6.44 21.54 -0.16
CA PHE F 414 -6.69 20.92 1.14
C PHE F 414 -6.01 19.57 1.14
N GLY F 415 -6.09 18.88 0.00
CA GLY F 415 -5.45 17.60 -0.14
C GLY F 415 -3.98 17.69 0.27
N ILE F 416 -3.30 18.74 -0.17
CA ILE F 416 -1.89 18.92 0.14
C ILE F 416 -1.56 19.48 1.53
N VAL F 417 -2.40 20.35 2.08
CA VAL F 417 -2.10 20.89 3.40
C VAL F 417 -2.50 19.87 4.46
N TYR F 418 -3.31 18.90 4.08
CA TYR F 418 -3.74 17.86 5.00
C TYR F 418 -3.05 16.52 4.80
N GLY F 419 -1.78 16.56 4.36
CA GLY F 419 -0.99 15.37 4.17
C GLY F 419 -1.21 14.37 3.04
N ILE F 420 -1.42 14.85 1.81
CA ILE F 420 -1.61 13.92 0.69
C ILE F 420 -0.21 13.54 0.23
N SER F 421 -0.04 12.33 -0.31
CA SER F 421 1.29 11.90 -0.77
C SER F 421 1.41 12.18 -2.27
N ASP F 422 2.61 12.03 -2.82
CA ASP F 422 2.78 12.27 -4.25
C ASP F 422 1.94 11.33 -5.10
N TYR F 423 1.95 10.03 -4.78
CA TYR F 423 1.16 9.09 -5.57
C TYR F 423 -0.29 9.48 -5.49
N GLY F 424 -0.68 10.05 -4.34
CA GLY F 424 -2.05 10.46 -4.14
C GLY F 424 -2.39 11.63 -5.03
N LEU F 425 -1.55 12.66 -5.02
CA LEU F 425 -1.78 13.83 -5.84
C LEU F 425 -1.64 13.44 -7.31
N ALA F 426 -0.78 12.47 -7.59
CA ALA F 426 -0.55 12.00 -8.95
C ALA F 426 -1.80 11.34 -9.55
N GLN F 427 -2.25 10.25 -8.92
CA GLN F 427 -3.45 9.55 -9.41
C GLN F 427 -4.67 10.48 -9.31
N ASN F 428 -4.50 11.58 -8.60
CA ASN F 428 -5.57 12.56 -8.40
C ASN F 428 -5.86 13.36 -9.68
N LEU F 429 -4.81 13.88 -10.29
CA LEU F 429 -4.93 14.68 -11.52
C LEU F 429 -4.73 13.73 -12.71
N ASN F 430 -3.50 13.66 -13.17
CA ASN F 430 -3.06 12.78 -14.26
C ASN F 430 -1.63 13.14 -14.60
N ILE F 431 -0.80 13.20 -13.56
CA ILE F 431 0.58 13.55 -13.71
C ILE F 431 1.41 12.53 -12.95
N SER F 432 2.46 12.04 -13.61
CA SER F 432 3.37 11.08 -12.99
C SER F 432 3.57 11.44 -11.52
N ARG F 433 4.15 10.50 -10.77
CA ARG F 433 4.46 10.74 -9.36
C ARG F 433 5.44 11.89 -9.24
N LYS F 434 6.48 11.85 -10.08
CA LYS F 434 7.50 12.88 -10.07
C LYS F 434 6.86 14.26 -10.21
N GLU F 435 5.83 14.34 -11.04
CA GLU F 435 5.14 15.62 -11.26
C GLU F 435 4.24 15.96 -10.08
N ALA F 436 3.72 14.92 -9.42
CA ALA F 436 2.86 15.13 -8.26
C ALA F 436 3.73 15.65 -7.12
N ALA F 437 4.97 15.16 -7.08
CA ALA F 437 5.93 15.54 -6.06
C ALA F 437 6.59 16.89 -6.31
N GLU F 438 6.72 17.26 -7.59
CA GLU F 438 7.33 18.54 -7.93
C GLU F 438 6.43 19.68 -7.47
N PHE F 439 5.13 19.53 -7.66
CA PHE F 439 4.19 20.56 -7.25
C PHE F 439 4.14 20.66 -5.72
N ILE F 440 3.78 19.56 -5.08
CA ILE F 440 3.71 19.49 -3.62
C ILE F 440 4.89 20.20 -2.96
N GLU F 441 6.11 19.93 -3.44
CA GLU F 441 7.28 20.57 -2.86
C GLU F 441 7.26 22.08 -3.13
N ARG F 442 6.72 22.48 -4.28
CA ARG F 442 6.64 23.90 -4.62
C ARG F 442 5.64 24.53 -3.64
N TYR F 443 4.53 23.84 -3.46
CA TYR F 443 3.45 24.28 -2.59
C TYR F 443 3.94 24.62 -1.19
N PHE F 444 4.85 23.80 -0.66
CA PHE F 444 5.37 24.05 0.68
C PHE F 444 6.58 24.98 0.75
N GLU F 445 7.21 25.27 -0.39
CA GLU F 445 8.33 26.20 -0.38
C GLU F 445 7.70 27.58 -0.29
N SER F 446 6.49 27.69 -0.83
CA SER F 446 5.74 28.93 -0.81
C SER F 446 5.08 29.12 0.54
N PHE F 447 4.62 28.01 1.12
CA PHE F 447 3.96 28.04 2.42
C PHE F 447 4.68 27.19 3.47
N PRO F 448 5.86 27.63 3.91
CA PRO F 448 6.67 26.92 4.92
C PRO F 448 6.07 26.96 6.33
N GLY F 449 4.95 27.67 6.47
CA GLY F 449 4.30 27.77 7.75
C GLY F 449 3.30 26.64 7.87
N VAL F 450 2.55 26.41 6.80
CA VAL F 450 1.58 25.33 6.77
C VAL F 450 2.33 24.01 7.01
N LYS F 451 3.33 23.72 6.17
CA LYS F 451 4.10 22.49 6.35
C LYS F 451 4.63 22.37 7.78
N ARG F 452 5.23 23.43 8.29
CA ARG F 452 5.78 23.42 9.63
C ARG F 452 4.73 23.19 10.71
N TYR F 453 3.65 23.98 10.67
CA TYR F 453 2.59 23.82 11.65
C TYR F 453 2.17 22.37 11.66
N MET F 454 2.06 21.80 10.46
CA MET F 454 1.64 20.42 10.31
C MET F 454 2.59 19.48 11.04
N GLU F 455 3.86 19.84 11.06
CA GLU F 455 4.86 19.03 11.73
C GLU F 455 4.65 19.20 13.23
N ASN F 456 4.59 20.46 13.66
CA ASN F 456 4.43 20.80 15.06
C ASN F 456 3.12 20.35 15.72
N ILE F 457 2.06 20.23 14.93
CA ILE F 457 0.78 19.82 15.48
C ILE F 457 0.73 18.33 15.84
N VAL F 458 1.46 17.50 15.09
CA VAL F 458 1.49 16.09 15.41
C VAL F 458 2.32 15.91 16.68
N GLN F 459 3.42 16.65 16.77
CA GLN F 459 4.28 16.60 17.95
C GLN F 459 3.51 17.09 19.19
N GLU F 460 2.56 17.99 18.96
CA GLU F 460 1.73 18.50 20.05
C GLU F 460 0.65 17.49 20.40
N ALA F 461 0.03 16.91 19.37
CA ALA F 461 -1.00 15.91 19.59
C ALA F 461 -0.39 14.85 20.49
N LYS F 462 0.81 14.42 20.13
CA LYS F 462 1.55 13.41 20.88
C LYS F 462 1.79 13.84 22.33
N GLN F 463 2.40 15.02 22.52
CA GLN F 463 2.71 15.53 23.86
C GLN F 463 1.48 15.66 24.77
N LYS F 464 0.41 16.23 24.25
CA LYS F 464 -0.82 16.42 25.03
C LYS F 464 -1.76 15.23 24.99
N GLY F 465 -1.71 14.46 23.91
CA GLY F 465 -2.59 13.31 23.78
C GLY F 465 -3.85 13.63 23.00
N TYR F 466 -3.99 14.86 22.55
CA TYR F 466 -5.18 15.27 21.79
C TYR F 466 -4.91 16.60 21.07
N VAL F 467 -5.86 17.06 20.27
CA VAL F 467 -5.74 18.36 19.60
C VAL F 467 -6.99 19.17 19.91
N THR F 468 -6.87 20.50 19.89
CA THR F 468 -8.03 21.32 20.21
C THR F 468 -8.29 22.40 19.16
N THR F 469 -9.54 22.88 19.10
CA THR F 469 -9.91 23.88 18.12
C THR F 469 -9.88 25.29 18.70
N LEU F 470 -10.46 26.21 17.94
CA LEU F 470 -10.48 27.60 18.35
C LEU F 470 -11.35 27.83 19.58
N LEU F 471 -12.52 27.22 19.62
CA LEU F 471 -13.40 27.42 20.78
C LEU F 471 -13.35 26.24 21.74
N HIS F 472 -12.20 25.58 21.79
CA HIS F 472 -11.95 24.45 22.69
C HIS F 472 -12.57 23.08 22.41
N ARG F 473 -13.01 22.85 21.19
CA ARG F 473 -13.55 21.54 20.85
C ARG F 473 -12.34 20.60 21.06
N ARG F 474 -12.60 19.31 21.23
CA ARG F 474 -11.50 18.36 21.46
C ARG F 474 -11.65 17.02 20.78
N ARG F 475 -10.52 16.42 20.44
CA ARG F 475 -10.50 15.09 19.82
C ARG F 475 -9.24 14.37 20.27
N TYR F 476 -9.41 13.27 21.01
CA TYR F 476 -8.25 12.52 21.47
C TYR F 476 -7.75 11.65 20.33
N LEU F 477 -6.44 11.63 20.13
CA LEU F 477 -5.83 10.82 19.06
C LEU F 477 -4.87 9.80 19.63
N PRO F 478 -5.39 8.79 20.35
CA PRO F 478 -4.55 7.74 20.95
C PRO F 478 -3.60 7.08 19.95
N ASP F 479 -4.10 6.79 18.75
CA ASP F 479 -3.30 6.17 17.70
C ASP F 479 -2.01 6.91 17.38
N ILE F 480 -1.91 8.15 17.87
CA ILE F 480 -0.74 8.99 17.61
C ILE F 480 0.55 8.40 18.20
N THR F 481 0.44 7.35 19.01
CA THR F 481 1.61 6.71 19.60
C THR F 481 1.68 5.24 19.19
N SER F 482 0.83 4.85 18.24
CA SER F 482 0.78 3.48 17.78
C SER F 482 2.12 3.07 17.15
N ARG F 483 2.47 1.79 17.32
CA ARG F 483 3.71 1.29 16.75
C ARG F 483 3.42 0.68 15.39
N ASN F 484 2.18 0.85 14.94
CA ASN F 484 1.76 0.37 13.64
C ASN F 484 1.79 1.56 12.68
N PHE F 485 2.92 1.73 11.99
CA PHE F 485 3.13 2.84 11.05
C PHE F 485 1.84 3.37 10.41
N ASN F 486 1.02 2.46 9.89
CA ASN F 486 -0.23 2.88 9.26
C ASN F 486 -1.07 3.66 10.24
N VAL F 487 -1.56 2.95 11.26
CA VAL F 487 -2.39 3.51 12.31
C VAL F 487 -1.86 4.84 12.84
N ARG F 488 -0.54 4.98 12.93
CA ARG F 488 0.05 6.21 13.41
C ARG F 488 -0.12 7.30 12.36
N SER F 489 0.29 7.01 11.13
CA SER F 489 0.19 7.97 10.05
C SER F 489 -1.21 8.60 9.93
N PHE F 490 -2.25 7.76 9.93
CA PHE F 490 -3.64 8.24 9.83
C PHE F 490 -3.98 9.21 10.96
N ALA F 491 -3.44 8.95 12.15
CA ALA F 491 -3.70 9.80 13.31
C ALA F 491 -2.94 11.10 13.14
N GLU F 492 -1.81 11.00 12.44
CA GLU F 492 -0.99 12.18 12.18
C GLU F 492 -1.74 13.16 11.30
N ARG F 493 -2.46 12.62 10.32
CA ARG F 493 -3.23 13.44 9.39
C ARG F 493 -4.45 14.01 10.11
N MET F 494 -4.83 13.38 11.22
CA MET F 494 -5.98 13.84 11.98
C MET F 494 -5.52 14.99 12.85
N ALA F 495 -4.24 15.00 13.22
CA ALA F 495 -3.69 16.07 14.03
C ALA F 495 -3.55 17.34 13.21
N MET F 496 -3.23 17.20 11.93
CA MET F 496 -3.05 18.36 11.05
C MET F 496 -4.42 18.92 10.67
N ASN F 497 -5.34 18.01 10.37
CA ASN F 497 -6.69 18.38 9.96
C ASN F 497 -7.74 18.83 11.01
N THR F 498 -7.88 18.13 12.14
CA THR F 498 -8.90 18.50 13.13
C THR F 498 -8.88 19.95 13.65
N PRO F 499 -7.70 20.48 14.00
CA PRO F 499 -7.72 21.85 14.49
C PRO F 499 -8.30 22.82 13.45
N ILE F 500 -7.99 22.60 12.19
CA ILE F 500 -8.45 23.47 11.10
C ILE F 500 -9.93 23.27 10.76
N GLN F 501 -10.35 22.03 10.54
CA GLN F 501 -11.76 21.79 10.22
C GLN F 501 -12.67 22.03 11.42
N GLY F 502 -12.16 21.73 12.61
CA GLY F 502 -12.92 21.91 13.83
C GLY F 502 -13.13 23.38 14.14
N SER F 503 -12.08 24.17 14.00
CA SER F 503 -12.17 25.60 14.27
C SER F 503 -13.12 26.33 13.31
N ALA F 504 -13.38 25.72 12.15
CA ALA F 504 -14.30 26.34 11.20
C ALA F 504 -15.72 25.97 11.61
N ALA F 505 -15.87 24.80 12.24
CA ALA F 505 -17.15 24.34 12.72
C ALA F 505 -17.51 25.24 13.89
N ASP F 506 -16.49 25.70 14.60
CA ASP F 506 -16.66 26.60 15.74
C ASP F 506 -17.21 27.93 15.22
N ILE F 507 -16.57 28.42 14.17
CA ILE F 507 -16.92 29.67 13.53
C ILE F 507 -18.35 29.66 13.01
N ILE F 508 -18.67 28.73 12.11
CA ILE F 508 -20.03 28.70 11.58
C ILE F 508 -21.07 28.55 12.68
N LYS F 509 -20.78 27.72 13.70
CA LYS F 509 -21.72 27.50 14.79
C LYS F 509 -21.96 28.78 15.55
N LYS F 510 -20.87 29.49 15.86
CA LYS F 510 -20.99 30.76 16.54
C LYS F 510 -21.84 31.68 15.66
N ALA F 511 -21.59 31.66 14.36
CA ALA F 511 -22.30 32.48 13.37
C ALA F 511 -23.80 32.28 13.34
N MET F 512 -24.22 31.01 13.37
CA MET F 512 -25.64 30.67 13.36
C MET F 512 -26.38 31.28 14.56
N ILE F 513 -25.71 31.26 15.70
CA ILE F 513 -26.30 31.79 16.93
C ILE F 513 -26.28 33.32 16.94
N ASP F 514 -25.16 33.92 16.57
CA ASP F 514 -25.04 35.38 16.54
C ASP F 514 -26.11 35.94 15.61
N LEU F 515 -26.30 35.31 14.44
CA LEU F 515 -27.29 35.75 13.48
C LEU F 515 -28.71 35.49 13.94
N ASN F 516 -28.96 34.30 14.50
CA ASN F 516 -30.30 33.96 14.97
C ASN F 516 -30.85 35.05 15.89
N ALA F 517 -29.95 35.59 16.71
CA ALA F 517 -30.26 36.64 17.64
C ALA F 517 -30.72 37.88 16.87
N ARG F 518 -29.84 38.41 16.04
CA ARG F 518 -30.16 39.61 15.27
C ARG F 518 -31.48 39.48 14.53
N LEU F 519 -31.79 38.29 14.01
CA LEU F 519 -33.02 38.09 13.29
C LEU F 519 -34.25 38.28 14.18
N LYS F 520 -34.28 37.57 15.31
CA LYS F 520 -35.41 37.71 16.22
C LYS F 520 -35.43 39.11 16.80
N GLU F 521 -34.25 39.71 16.87
CA GLU F 521 -34.10 41.07 17.37
C GLU F 521 -34.98 42.04 16.56
N GLU F 522 -34.72 42.15 15.26
CA GLU F 522 -35.48 43.04 14.38
C GLU F 522 -36.87 42.52 14.05
N ARG F 523 -37.32 41.52 14.79
CA ARG F 523 -38.64 40.96 14.53
C ARG F 523 -38.71 40.51 13.07
N LEU F 524 -37.56 40.32 12.43
CA LEU F 524 -37.52 39.89 11.04
C LEU F 524 -38.21 38.53 10.93
N GLN F 525 -38.70 38.21 9.73
CA GLN F 525 -39.37 36.94 9.49
C GLN F 525 -38.40 35.96 8.84
N ALA F 526 -37.24 36.46 8.44
CA ALA F 526 -36.23 35.60 7.83
C ALA F 526 -35.95 34.48 8.82
N HIS F 527 -35.79 33.26 8.34
CA HIS F 527 -35.49 32.15 9.24
C HIS F 527 -34.59 31.10 8.59
N LEU F 528 -33.67 30.55 9.38
CA LEU F 528 -32.75 29.54 8.88
C LEU F 528 -33.50 28.30 8.43
N LEU F 529 -32.96 27.61 7.43
CA LEU F 529 -33.57 26.37 6.94
C LEU F 529 -32.53 25.27 7.02
N LEU F 530 -31.40 25.50 6.36
CA LEU F 530 -30.32 24.54 6.31
C LEU F 530 -28.95 25.16 6.53
N GLN F 531 -28.00 24.31 6.90
CA GLN F 531 -26.60 24.68 7.08
C GLN F 531 -25.86 23.59 6.34
N VAL F 532 -24.85 23.94 5.56
CA VAL F 532 -24.10 22.96 4.81
C VAL F 532 -22.60 23.11 5.09
N HIS F 533 -22.27 23.06 6.38
CA HIS F 533 -20.90 23.14 6.90
C HIS F 533 -20.23 24.49 6.94
N ASP F 534 -20.16 25.18 5.80
CA ASP F 534 -19.55 26.51 5.81
C ASP F 534 -20.52 27.53 5.27
N GLU F 535 -21.70 27.06 4.89
CA GLU F 535 -22.72 27.95 4.35
C GLU F 535 -24.02 27.88 5.15
N LEU F 536 -24.80 28.94 5.04
CA LEU F 536 -26.08 29.05 5.72
C LEU F 536 -27.16 29.39 4.70
N ILE F 537 -28.22 28.60 4.72
CA ILE F 537 -29.32 28.79 3.80
C ILE F 537 -30.59 29.22 4.53
N LEU F 538 -31.28 30.21 3.97
CA LEU F 538 -32.52 30.70 4.56
C LEU F 538 -33.54 31.20 3.56
N GLU F 539 -34.75 31.41 4.06
CA GLU F 539 -35.83 31.91 3.24
C GLU F 539 -36.44 33.11 3.97
N ALA F 540 -36.87 34.12 3.21
CA ALA F 540 -37.43 35.33 3.79
C ALA F 540 -38.22 36.12 2.76
N PRO F 541 -39.13 37.01 3.24
CA PRO F 541 -39.96 37.85 2.36
C PRO F 541 -39.10 38.82 1.53
N LYS F 542 -39.55 39.10 0.31
CA LYS F 542 -38.84 40.01 -0.58
C LYS F 542 -38.38 41.28 0.15
N GLU F 543 -39.24 41.78 1.02
CA GLU F 543 -39.01 43.00 1.78
C GLU F 543 -37.75 42.96 2.65
N GLU F 544 -37.35 41.75 3.05
CA GLU F 544 -36.19 41.57 3.92
C GLU F 544 -34.84 41.40 3.23
N MET F 545 -34.85 41.14 1.92
CA MET F 545 -33.59 40.94 1.19
C MET F 545 -32.58 42.06 1.40
N GLU F 546 -33.01 43.31 1.31
CA GLU F 546 -32.07 44.42 1.48
C GLU F 546 -31.27 44.29 2.78
N ARG F 547 -31.95 44.37 3.93
CA ARG F 547 -31.23 44.26 5.17
C ARG F 547 -30.52 42.91 5.26
N LEU F 548 -31.20 41.87 4.80
CA LEU F 548 -30.63 40.52 4.86
C LEU F 548 -29.33 40.48 4.04
N CYS F 549 -29.19 41.39 3.08
CA CYS F 549 -27.98 41.45 2.26
C CYS F 549 -26.83 42.06 3.05
N ARG F 550 -27.16 42.83 4.07
CA ARG F 550 -26.14 43.45 4.90
C ARG F 550 -25.98 42.68 6.21
N LEU F 551 -27.10 42.17 6.72
CA LEU F 551 -27.11 41.44 7.99
C LEU F 551 -26.32 40.12 8.01
N VAL F 552 -26.68 39.18 7.15
CA VAL F 552 -26.01 37.89 7.13
C VAL F 552 -24.49 37.92 6.94
N PRO F 553 -24.01 38.40 5.78
CA PRO F 553 -22.54 38.41 5.61
C PRO F 553 -21.73 39.12 6.71
N GLU F 554 -22.28 40.14 7.35
CA GLU F 554 -21.53 40.82 8.40
C GLU F 554 -21.53 40.03 9.72
N VAL F 555 -22.61 39.30 9.95
CA VAL F 555 -22.72 38.49 11.17
C VAL F 555 -21.80 37.29 11.00
N MET F 556 -21.90 36.62 9.85
CA MET F 556 -21.06 35.47 9.55
C MET F 556 -19.58 35.89 9.52
N GLU F 557 -19.28 36.99 8.83
CA GLU F 557 -17.90 37.48 8.72
C GLU F 557 -17.27 37.90 10.02
N GLN F 558 -18.08 38.42 10.94
CA GLN F 558 -17.55 38.85 12.23
C GLN F 558 -17.79 37.80 13.33
N ALA F 559 -18.09 36.58 12.92
CA ALA F 559 -18.34 35.48 13.86
C ALA F 559 -17.18 35.36 14.85
N VAL F 560 -15.97 35.56 14.33
CA VAL F 560 -14.77 35.54 15.14
C VAL F 560 -13.82 36.56 14.53
N THR F 561 -12.72 36.82 15.21
CA THR F 561 -11.75 37.77 14.69
C THR F 561 -10.44 37.01 14.54
N LEU F 562 -10.07 36.74 13.29
CA LEU F 562 -8.84 36.00 13.01
C LEU F 562 -7.76 36.92 12.49
N ARG F 563 -6.54 36.40 12.42
CA ARG F 563 -5.40 37.15 11.92
C ARG F 563 -5.64 37.56 10.47
N VAL F 564 -6.71 37.06 9.86
CA VAL F 564 -7.04 37.42 8.49
C VAL F 564 -8.54 37.62 8.35
N PRO F 565 -8.94 38.50 7.43
CA PRO F 565 -10.36 38.80 7.22
C PRO F 565 -11.12 37.56 6.74
N LEU F 566 -12.43 37.55 6.99
CA LEU F 566 -13.28 36.45 6.55
C LEU F 566 -14.21 36.99 5.48
N LYS F 567 -14.10 36.46 4.28
CA LYS F 567 -14.94 36.90 3.18
C LYS F 567 -16.10 35.94 2.95
N VAL F 568 -17.31 36.45 3.06
CA VAL F 568 -18.51 35.65 2.84
C VAL F 568 -19.14 36.12 1.52
N ASP F 569 -19.31 35.18 0.59
CA ASP F 569 -19.93 35.47 -0.69
C ASP F 569 -21.39 35.10 -0.47
N TYR F 570 -22.31 35.77 -1.14
CA TYR F 570 -23.73 35.48 -0.95
C TYR F 570 -24.61 35.81 -2.14
N HIS F 571 -25.72 35.09 -2.24
CA HIS F 571 -26.69 35.25 -3.32
C HIS F 571 -28.10 35.01 -2.82
N TYR F 572 -29.08 35.41 -3.62
CA TYR F 572 -30.49 35.21 -3.30
C TYR F 572 -31.19 34.95 -4.61
N GLY F 573 -32.16 34.05 -4.60
CA GLY F 573 -32.87 33.74 -5.82
C GLY F 573 -34.29 33.29 -5.54
N SER F 574 -34.99 32.88 -6.60
CA SER F 574 -36.37 32.43 -6.49
C SER F 574 -36.47 31.00 -5.96
N THR F 575 -35.38 30.24 -6.09
CA THR F 575 -35.33 28.86 -5.61
C THR F 575 -33.90 28.68 -5.12
N TRP F 576 -33.61 27.51 -4.55
CA TRP F 576 -32.25 27.24 -4.07
C TRP F 576 -31.31 27.18 -5.27
N TYR F 577 -31.83 26.67 -6.38
CA TYR F 577 -31.06 26.56 -7.61
C TYR F 577 -30.54 27.90 -8.11
N ASP F 578 -31.30 28.97 -7.88
CA ASP F 578 -30.94 30.31 -8.36
C ASP F 578 -30.25 31.24 -7.37
N ALA F 579 -30.00 30.75 -6.16
CA ALA F 579 -29.32 31.57 -5.16
C ALA F 579 -27.83 31.50 -5.50
N LYS F 580 -27.49 31.75 -6.77
CA LYS F 580 -26.10 31.69 -7.23
C LYS F 580 -25.66 32.94 -8.00
MN MN G . 31.50 -8.62 -0.81
MG MG H . 30.01 -11.82 -0.51
S SO4 I . 35.00 -7.75 -23.09
O1 SO4 I . 35.73 -7.65 -24.37
O2 SO4 I . 35.91 -8.29 -22.05
O3 SO4 I . 34.54 -6.41 -22.67
O4 SO4 I . 33.83 -8.64 -23.25
N1 DCP J . 23.62 -6.80 -1.98
C2 DCP J . 22.43 -6.00 -1.99
N3 DCP J . 21.63 -5.94 -0.83
C4 DCP J . 22.01 -6.65 0.33
C5 DCP J . 23.17 -7.44 0.33
C6 DCP J . 23.96 -7.50 -0.82
O2 DCP J . 22.10 -5.38 -3.00
N4 DCP J . 21.28 -6.54 1.43
C1' DCP J . 24.53 -6.76 -3.16
C2' DCP J . 25.44 -5.51 -3.04
C3' DCP J . 26.71 -6.06 -2.44
C4' DCP J . 26.82 -7.41 -3.13
O4' DCP J . 25.45 -7.92 -3.13
O3' DCP J . 27.81 -5.22 -2.82
C5' DCP J . 27.81 -8.37 -2.48
O5' DCP J . 27.33 -8.79 -1.19
PA DCP J . 28.27 -8.70 0.10
O1A DCP J . 27.59 -9.31 1.24
O2A DCP J . 29.64 -9.20 -0.24
O3A DCP J . 28.33 -7.08 0.34
PB DCP J . 29.59 -6.11 -0.03
O1B DCP J . 28.82 -4.89 -0.41
O2B DCP J . 30.30 -6.97 -0.98
O3B DCP J . 30.06 -6.09 1.51
PG DCP J . 31.39 -6.85 2.00
O1G DCP J . 31.12 -7.51 3.30
O2G DCP J . 31.93 -7.66 0.89
O3G DCP J . 32.40 -5.62 2.24
MN MN K . -16.76 28.17 1.31
S SO4 L . -17.86 30.96 23.35
O1 SO4 L . -17.23 31.67 22.21
O2 SO4 L . -17.00 31.10 24.54
O3 SO4 L . -19.19 31.55 23.61
O4 SO4 L . -18.01 29.53 23.01
N1 DCP M . -13.21 20.95 2.22
C2 DCP M . -12.40 19.79 2.15
N3 DCP M . -12.28 19.10 0.92
C4 DCP M . -12.96 19.56 -0.22
C5 DCP M . -13.76 20.70 -0.16
C6 DCP M . -13.89 21.39 1.05
O2 DCP M . -11.80 19.38 3.15
N4 DCP M . -12.80 18.93 -1.39
C1' DCP M . -13.28 21.73 3.49
C2' DCP M . -12.23 22.86 3.47
C3' DCP M . -12.98 24.00 2.84
C4' DCP M . -14.33 23.89 3.50
O4' DCP M . -14.58 22.43 3.57
O3' DCP M . -12.36 25.25 3.20
C5' DCP M . -15.40 24.66 2.73
O5' DCP M . -15.56 24.11 1.42
PA DCP M . -15.85 25.09 0.16
O1A DCP M . -16.28 24.27 -0.98
O2A DCP M . -16.74 26.21 0.58
O3A DCP M . -14.38 25.67 -0.15
PB DCP M . -13.80 27.07 0.45
O1B DCP M . -12.45 26.60 0.86
O2B DCP M . -14.89 27.41 1.39
O3B DCP M . -13.78 27.79 -1.00
PG DCP M . -14.99 28.67 -1.60
O1G DCP M . -15.29 28.21 -2.96
O2G DCP M . -16.10 28.72 -0.61
O3G DCP M . -14.33 30.13 -1.66
#